data_1BK6
#
_entry.id   1BK6
#
_cell.length_a   161.120
_cell.length_b   75.750
_cell.length_c   84.460
_cell.angle_alpha   90.00
_cell.angle_beta   90.00
_cell.angle_gamma   90.00
#
_symmetry.space_group_name_H-M   'P 21 21 21'
#
loop_
_entity.id
_entity.type
_entity.pdbx_description
1 polymer 'KARYOPHERIN ALPHA'
2 polymer 'LARGE T ANTIGEN'
3 polymer 'LARGE T ANTIGEN'
4 water water
#
loop_
_entity_poly.entity_id
_entity_poly.type
_entity_poly.pdbx_seq_one_letter_code
_entity_poly.pdbx_strand_id
1 'polypeptide(L)'
;LPQMTQQLNSDDMQEQLSATVKFRQILSREHRPPIDVVIQAGVVPRLVEFMRENQPEMLQLEAAWALTNIASGTSAQTKV
VVDADAVPLFIQLLYTGSVEVKEQAIWALGNVAGDSTDYRDYVLQCNAMEPILGLFNSNKPSLIRTATWTLSNLCRGKKP
QPDWSVVSQALPTLAKLIYSMDTETLVDACWAISYLSDGPQEAIQAVIDVRIPKRLVELLSHESTLVQTPALRAVGNIVT
GNDLQTQVVINAGVLPALRLLLSSPKENIKKEACWTISNITAGNTEQIQAVIDANLIPPLVKLLEVAEYKTKKEACWAIS
NASSGGLQRPDIIRYLVSQGCIKPLCDLLEIADNRIIEVTLDALENIIKMGEADKEARGLNINENADFIEKAGGMEKIFN
CQQNENDKIYEKAYKIIETYFG
;
A,B
2 'polypeptide(L)' KKKRKV C,E
3 'polypeptide(L)' AKKAA D,F
#
# COMPACT_ATOMS: atom_id res chain seq x y z
N LEU A 1 -51.97 -11.14 10.46
CA LEU A 1 -53.13 -11.91 10.91
C LEU A 1 -53.32 -13.14 10.02
N PRO A 2 -53.73 -14.27 10.61
CA PRO A 2 -53.96 -15.51 9.85
C PRO A 2 -55.14 -15.33 8.90
N GLN A 3 -56.12 -14.54 9.32
CA GLN A 3 -57.31 -14.27 8.52
C GLN A 3 -56.92 -13.81 7.12
N MET A 4 -55.88 -12.96 7.06
CA MET A 4 -55.38 -12.42 5.81
C MET A 4 -54.92 -13.53 4.87
N THR A 5 -54.14 -14.45 5.42
CA THR A 5 -53.62 -15.56 4.65
C THR A 5 -54.75 -16.36 4.05
N GLN A 6 -55.75 -16.65 4.86
CA GLN A 6 -56.91 -17.41 4.39
C GLN A 6 -57.47 -16.72 3.16
N GLN A 7 -57.73 -15.43 3.28
CA GLN A 7 -58.26 -14.67 2.15
C GLN A 7 -57.38 -14.81 0.92
N LEU A 8 -56.10 -14.46 1.08
CA LEU A 8 -55.15 -14.51 -0.03
C LEU A 8 -55.23 -15.79 -0.84
N ASN A 9 -55.60 -16.88 -0.19
CA ASN A 9 -55.71 -18.18 -0.86
C ASN A 9 -57.14 -18.52 -1.26
N SER A 10 -58.02 -17.52 -1.25
CA SER A 10 -59.42 -17.72 -1.60
C SER A 10 -59.59 -17.70 -3.12
N ASP A 11 -60.61 -18.41 -3.61
CA ASP A 11 -60.90 -18.44 -5.03
C ASP A 11 -61.60 -17.15 -5.44
N ASP A 12 -62.13 -16.46 -4.44
CA ASP A 12 -62.85 -15.21 -4.65
C ASP A 12 -61.93 -14.06 -4.98
N MET A 13 -62.00 -13.60 -6.22
CA MET A 13 -61.20 -12.49 -6.71
C MET A 13 -61.11 -11.35 -5.70
N GLN A 14 -62.27 -10.80 -5.35
CA GLN A 14 -62.36 -9.68 -4.43
C GLN A 14 -61.61 -9.90 -3.10
N GLU A 15 -61.73 -11.08 -2.52
CA GLU A 15 -61.06 -11.37 -1.26
C GLU A 15 -59.54 -11.42 -1.42
N GLN A 16 -59.07 -11.74 -2.63
CA GLN A 16 -57.64 -11.81 -2.90
C GLN A 16 -57.00 -10.42 -3.00
N LEU A 17 -57.71 -9.50 -3.65
CA LEU A 17 -57.25 -8.13 -3.84
C LEU A 17 -57.24 -7.43 -2.49
N SER A 18 -58.18 -7.80 -1.64
CA SER A 18 -58.28 -7.22 -0.32
C SER A 18 -57.06 -7.62 0.51
N ALA A 19 -56.67 -8.88 0.36
CA ALA A 19 -55.54 -9.44 1.08
C ALA A 19 -54.19 -8.93 0.56
N THR A 20 -54.05 -8.80 -0.75
CA THR A 20 -52.79 -8.33 -1.29
C THR A 20 -52.58 -6.88 -0.87
N VAL A 21 -53.66 -6.12 -0.77
CA VAL A 21 -53.59 -4.73 -0.35
C VAL A 21 -53.17 -4.66 1.11
N LYS A 22 -53.84 -5.44 1.97
CA LYS A 22 -53.49 -5.46 3.39
C LYS A 22 -52.03 -5.91 3.54
N PHE A 23 -51.63 -6.96 2.84
CA PHE A 23 -50.24 -7.42 2.92
C PHE A 23 -49.26 -6.36 2.50
N ARG A 24 -49.59 -5.65 1.41
CA ARG A 24 -48.70 -4.60 0.91
C ARG A 24 -48.65 -3.41 1.86
N GLN A 25 -49.76 -3.15 2.54
CA GLN A 25 -49.83 -2.05 3.50
C GLN A 25 -48.87 -2.22 4.67
N ILE A 26 -48.81 -3.42 5.26
CA ILE A 26 -47.92 -3.62 6.40
C ILE A 26 -46.46 -3.77 6.05
N LEU A 27 -46.16 -3.77 4.75
CA LEU A 27 -44.77 -3.85 4.31
C LEU A 27 -44.36 -2.44 3.89
N SER A 28 -45.32 -1.52 3.93
CA SER A 28 -45.09 -0.12 3.56
C SER A 28 -45.16 0.83 4.75
N ARG A 29 -45.12 0.29 5.97
CA ARG A 29 -45.15 1.12 7.17
C ARG A 29 -44.01 2.11 7.07
N GLU A 30 -43.87 2.94 8.08
CA GLU A 30 -42.79 3.91 8.12
C GLU A 30 -41.71 3.26 8.98
N HIS A 31 -42.13 2.39 9.89
CA HIS A 31 -41.22 1.71 10.82
C HIS A 31 -40.63 0.38 10.32
N ARG A 32 -40.37 -0.54 11.25
CA ARG A 32 -39.80 -1.85 10.92
C ARG A 32 -40.81 -2.80 10.28
N PRO A 33 -40.71 -3.00 8.97
CA PRO A 33 -41.61 -3.88 8.23
C PRO A 33 -41.42 -5.34 8.64
N PRO A 34 -42.50 -5.99 9.06
CA PRO A 34 -42.46 -7.40 9.49
C PRO A 34 -42.22 -8.33 8.29
N ILE A 35 -41.03 -8.27 7.72
CA ILE A 35 -40.74 -9.10 6.56
C ILE A 35 -40.76 -10.59 6.89
N ASP A 36 -39.95 -11.02 7.87
CA ASP A 36 -39.93 -12.43 8.22
C ASP A 36 -41.29 -13.00 8.54
N VAL A 37 -42.09 -12.27 9.28
CA VAL A 37 -43.41 -12.76 9.63
C VAL A 37 -44.17 -13.13 8.34
N VAL A 38 -44.21 -12.18 7.41
CA VAL A 38 -44.89 -12.39 6.14
C VAL A 38 -44.34 -13.60 5.40
N ILE A 39 -43.03 -13.73 5.33
CA ILE A 39 -42.42 -14.84 4.65
C ILE A 39 -42.86 -16.14 5.31
N GLN A 40 -42.91 -16.11 6.64
CA GLN A 40 -43.30 -17.28 7.43
C GLN A 40 -44.71 -17.73 7.18
N ALA A 41 -45.60 -16.80 6.87
CA ALA A 41 -46.98 -17.15 6.59
C ALA A 41 -47.04 -18.05 5.33
N GLY A 42 -45.93 -18.06 4.57
CA GLY A 42 -45.83 -18.86 3.36
C GLY A 42 -46.64 -18.32 2.21
N VAL A 43 -46.66 -17.00 2.07
CA VAL A 43 -47.47 -16.40 1.02
C VAL A 43 -46.73 -15.88 -0.22
N VAL A 44 -45.40 -15.79 -0.15
CA VAL A 44 -44.60 -15.28 -1.26
C VAL A 44 -44.92 -15.91 -2.63
N PRO A 45 -44.96 -17.25 -2.71
CA PRO A 45 -45.25 -17.89 -3.99
C PRO A 45 -46.66 -17.56 -4.50
N ARG A 46 -47.56 -17.35 -3.55
CA ARG A 46 -48.94 -17.01 -3.87
C ARG A 46 -49.02 -15.59 -4.47
N LEU A 47 -48.13 -14.71 -4.02
CA LEU A 47 -48.09 -13.35 -4.51
C LEU A 47 -47.41 -13.30 -5.86
N VAL A 48 -46.55 -14.29 -6.10
CA VAL A 48 -45.85 -14.37 -7.36
C VAL A 48 -46.82 -14.77 -8.49
N GLU A 49 -47.86 -15.50 -8.14
CA GLU A 49 -48.86 -15.90 -9.15
C GLU A 49 -49.63 -14.70 -9.67
N PHE A 50 -49.99 -13.80 -8.76
CA PHE A 50 -50.75 -12.63 -9.14
C PHE A 50 -50.08 -11.70 -10.12
N MET A 51 -48.86 -12.02 -10.54
CA MET A 51 -48.17 -11.17 -11.50
C MET A 51 -48.19 -11.78 -12.90
N ARG A 52 -48.97 -12.83 -13.04
CA ARG A 52 -49.11 -13.52 -14.32
C ARG A 52 -49.97 -12.78 -15.33
N GLU A 53 -49.78 -13.12 -16.60
CA GLU A 53 -50.50 -12.51 -17.73
C GLU A 53 -52.00 -12.22 -17.55
N ASN A 54 -52.77 -13.26 -17.31
CA ASN A 54 -54.23 -13.15 -17.17
C ASN A 54 -54.76 -12.41 -15.95
N GLN A 55 -53.95 -12.25 -14.92
CA GLN A 55 -54.37 -11.56 -13.70
C GLN A 55 -54.77 -10.10 -13.90
N PRO A 56 -55.77 -9.63 -13.12
CA PRO A 56 -56.22 -8.23 -13.20
C PRO A 56 -55.03 -7.34 -12.90
N GLU A 57 -54.92 -6.22 -13.61
CA GLU A 57 -53.81 -5.32 -13.40
C GLU A 57 -53.66 -4.81 -11.96
N MET A 58 -54.76 -4.57 -11.25
CA MET A 58 -54.68 -4.07 -9.87
C MET A 58 -54.00 -5.07 -8.96
N LEU A 59 -54.35 -6.33 -9.16
CA LEU A 59 -53.81 -7.43 -8.39
C LEU A 59 -52.32 -7.62 -8.68
N GLN A 60 -51.89 -7.27 -9.90
CA GLN A 60 -50.49 -7.38 -10.30
C GLN A 60 -49.65 -6.29 -9.64
N LEU A 61 -50.12 -5.05 -9.73
CA LEU A 61 -49.44 -3.90 -9.14
C LEU A 61 -49.23 -4.14 -7.66
N GLU A 62 -50.33 -4.43 -6.97
CA GLU A 62 -50.31 -4.66 -5.54
C GLU A 62 -49.33 -5.73 -5.15
N ALA A 63 -49.47 -6.90 -5.78
CA ALA A 63 -48.58 -8.01 -5.49
C ALA A 63 -47.12 -7.60 -5.66
N ALA A 64 -46.77 -7.06 -6.82
CA ALA A 64 -45.41 -6.63 -7.09
C ALA A 64 -44.91 -5.67 -6.03
N TRP A 65 -45.77 -4.79 -5.56
CA TRP A 65 -45.41 -3.80 -4.55
C TRP A 65 -44.95 -4.53 -3.29
N ALA A 66 -45.82 -5.39 -2.78
CA ALA A 66 -45.47 -6.13 -1.57
C ALA A 66 -44.15 -6.88 -1.77
N LEU A 67 -44.04 -7.57 -2.91
CA LEU A 67 -42.83 -8.32 -3.24
C LEU A 67 -41.58 -7.47 -3.38
N THR A 68 -41.70 -6.23 -3.85
CA THR A 68 -40.53 -5.37 -3.99
C THR A 68 -39.98 -5.06 -2.58
N ASN A 69 -40.87 -4.77 -1.63
CA ASN A 69 -40.43 -4.48 -0.27
C ASN A 69 -39.89 -5.71 0.46
N ILE A 70 -40.40 -6.88 0.13
CA ILE A 70 -39.86 -8.06 0.78
C ILE A 70 -38.44 -8.21 0.26
N ALA A 71 -38.22 -7.78 -0.98
CA ALA A 71 -36.90 -7.86 -1.61
C ALA A 71 -35.96 -6.71 -1.24
N SER A 72 -36.40 -5.87 -0.31
CA SER A 72 -35.57 -4.75 0.13
C SER A 72 -34.93 -5.06 1.47
N GLY A 73 -35.06 -6.30 1.90
CA GLY A 73 -34.49 -6.75 3.16
C GLY A 73 -33.08 -7.27 3.01
N THR A 74 -32.80 -8.38 3.69
CA THR A 74 -31.47 -8.99 3.66
C THR A 74 -31.33 -9.89 2.44
N SER A 75 -30.12 -10.38 2.20
CA SER A 75 -29.90 -11.28 1.06
C SER A 75 -30.73 -12.53 1.27
N ALA A 76 -30.92 -12.91 2.52
CA ALA A 76 -31.71 -14.09 2.82
C ALA A 76 -33.17 -13.85 2.40
N GLN A 77 -33.66 -12.66 2.72
CA GLN A 77 -35.04 -12.27 2.41
C GLN A 77 -35.24 -12.04 0.91
N THR A 78 -34.21 -11.56 0.22
CA THR A 78 -34.32 -11.33 -1.22
C THR A 78 -34.30 -12.65 -1.97
N LYS A 79 -33.65 -13.65 -1.38
CA LYS A 79 -33.54 -14.98 -1.98
C LYS A 79 -34.88 -15.69 -2.00
N VAL A 80 -35.72 -15.45 -1.00
CA VAL A 80 -37.03 -16.07 -0.97
C VAL A 80 -37.81 -15.64 -2.21
N VAL A 81 -37.75 -14.36 -2.54
CA VAL A 81 -38.46 -13.84 -3.72
C VAL A 81 -37.83 -14.33 -5.04
N VAL A 82 -36.51 -14.39 -5.09
CA VAL A 82 -35.83 -14.85 -6.30
C VAL A 82 -36.04 -16.34 -6.52
N ASP A 83 -36.07 -17.12 -5.43
CA ASP A 83 -36.29 -18.56 -5.54
C ASP A 83 -37.72 -18.89 -5.92
N ALA A 84 -38.62 -17.92 -5.85
CA ALA A 84 -40.00 -18.15 -6.21
C ALA A 84 -40.26 -17.86 -7.69
N ASP A 85 -39.20 -17.59 -8.43
CA ASP A 85 -39.28 -17.30 -9.87
C ASP A 85 -39.97 -15.98 -10.20
N ALA A 86 -39.85 -15.00 -9.32
CA ALA A 86 -40.46 -13.71 -9.54
C ALA A 86 -39.75 -12.89 -10.63
N VAL A 87 -38.44 -13.07 -10.77
CA VAL A 87 -37.72 -12.28 -11.75
C VAL A 87 -38.25 -12.31 -13.19
N PRO A 88 -38.43 -13.50 -13.78
CA PRO A 88 -38.95 -13.54 -15.14
C PRO A 88 -40.31 -12.84 -15.30
N LEU A 89 -41.14 -12.88 -14.26
CA LEU A 89 -42.45 -12.20 -14.32
C LEU A 89 -42.32 -10.68 -14.23
N PHE A 90 -41.44 -10.17 -13.36
CA PHE A 90 -41.22 -8.73 -13.27
C PHE A 90 -40.87 -8.18 -14.65
N ILE A 91 -40.05 -8.95 -15.37
CA ILE A 91 -39.62 -8.56 -16.70
C ILE A 91 -40.74 -8.51 -17.72
N GLN A 92 -41.70 -9.43 -17.63
CA GLN A 92 -42.77 -9.38 -18.61
C GLN A 92 -43.72 -8.24 -18.29
N LEU A 93 -43.70 -7.79 -17.03
CA LEU A 93 -44.56 -6.68 -16.67
C LEU A 93 -44.00 -5.36 -17.23
N LEU A 94 -42.71 -5.33 -17.54
CA LEU A 94 -42.12 -4.13 -18.09
C LEU A 94 -42.67 -3.94 -19.50
N TYR A 95 -43.04 -5.04 -20.15
CA TYR A 95 -43.60 -4.97 -21.49
C TYR A 95 -45.10 -4.66 -21.45
N THR A 96 -45.87 -5.59 -20.88
CA THR A 96 -47.33 -5.52 -20.81
C THR A 96 -48.01 -4.55 -19.84
N GLY A 97 -47.48 -4.40 -18.64
CA GLY A 97 -48.12 -3.54 -17.67
C GLY A 97 -48.28 -2.07 -17.97
N SER A 98 -49.17 -1.43 -17.22
CA SER A 98 -49.41 0.01 -17.36
C SER A 98 -48.15 0.72 -16.86
N VAL A 99 -48.23 2.03 -16.71
CA VAL A 99 -47.06 2.76 -16.25
C VAL A 99 -46.86 2.57 -14.76
N GLU A 100 -47.95 2.52 -14.00
CA GLU A 100 -47.85 2.32 -12.56
C GLU A 100 -47.20 0.97 -12.32
N VAL A 101 -47.69 -0.04 -13.04
CA VAL A 101 -47.15 -1.40 -12.93
C VAL A 101 -45.67 -1.45 -13.26
N LYS A 102 -45.27 -0.87 -14.39
CA LYS A 102 -43.87 -0.86 -14.75
C LYS A 102 -43.05 -0.23 -13.62
N GLU A 103 -43.54 0.88 -13.10
CA GLU A 103 -42.89 1.57 -11.99
C GLU A 103 -42.52 0.59 -10.89
N GLN A 104 -43.47 -0.24 -10.49
CA GLN A 104 -43.23 -1.24 -9.44
C GLN A 104 -42.23 -2.32 -9.83
N ALA A 105 -42.37 -2.83 -11.05
CA ALA A 105 -41.50 -3.89 -11.56
C ALA A 105 -40.04 -3.51 -11.66
N ILE A 106 -39.76 -2.34 -12.22
CA ILE A 106 -38.39 -1.91 -12.37
C ILE A 106 -37.81 -1.65 -10.98
N TRP A 107 -38.66 -1.28 -10.02
CA TRP A 107 -38.20 -1.03 -8.65
C TRP A 107 -37.78 -2.35 -8.03
N ALA A 108 -38.64 -3.36 -8.13
CA ALA A 108 -38.34 -4.68 -7.59
C ALA A 108 -37.02 -5.16 -8.19
N LEU A 109 -36.91 -5.12 -9.53
CA LEU A 109 -35.68 -5.54 -10.20
C LEU A 109 -34.47 -4.80 -9.68
N GLY A 110 -34.67 -3.54 -9.29
CA GLY A 110 -33.59 -2.73 -8.75
C GLY A 110 -33.02 -3.34 -7.47
N ASN A 111 -33.89 -3.78 -6.57
CA ASN A 111 -33.48 -4.42 -5.33
C ASN A 111 -32.79 -5.76 -5.56
N VAL A 112 -33.32 -6.57 -6.48
CA VAL A 112 -32.70 -7.86 -6.75
C VAL A 112 -31.31 -7.67 -7.36
N ALA A 113 -31.22 -6.87 -8.40
CA ALA A 113 -29.92 -6.62 -9.04
C ALA A 113 -28.95 -5.93 -8.09
N GLY A 114 -29.47 -5.37 -7.00
CA GLY A 114 -28.63 -4.68 -6.04
C GLY A 114 -28.16 -5.56 -4.89
N ASP A 115 -28.70 -6.78 -4.81
CA ASP A 115 -28.32 -7.69 -3.73
C ASP A 115 -26.91 -8.24 -3.93
N SER A 116 -26.65 -8.85 -5.08
CA SER A 116 -25.34 -9.45 -5.34
C SER A 116 -24.94 -9.47 -6.82
N THR A 117 -23.65 -9.69 -7.09
CA THR A 117 -23.16 -9.75 -8.45
C THR A 117 -23.80 -10.95 -9.15
N ASP A 118 -24.28 -11.91 -8.37
CA ASP A 118 -24.94 -13.10 -8.92
C ASP A 118 -26.30 -12.70 -9.46
N TYR A 119 -27.09 -12.08 -8.57
CA TYR A 119 -28.42 -11.62 -8.95
C TYR A 119 -28.31 -10.54 -10.03
N ARG A 120 -27.28 -9.70 -9.94
CA ARG A 120 -27.08 -8.67 -10.94
C ARG A 120 -26.99 -9.39 -12.28
N ASP A 121 -26.13 -10.40 -12.33
CA ASP A 121 -25.97 -11.17 -13.58
C ASP A 121 -27.20 -11.96 -13.97
N TYR A 122 -27.91 -12.49 -12.97
CA TYR A 122 -29.12 -13.27 -13.24
C TYR A 122 -30.14 -12.42 -13.97
N VAL A 123 -30.37 -11.21 -13.47
CA VAL A 123 -31.32 -10.30 -14.10
C VAL A 123 -30.89 -9.98 -15.52
N LEU A 124 -29.60 -9.77 -15.72
CA LEU A 124 -29.08 -9.47 -17.05
C LEU A 124 -29.27 -10.67 -17.96
N GLN A 125 -29.04 -11.87 -17.43
CA GLN A 125 -29.20 -13.08 -18.25
C GLN A 125 -30.66 -13.44 -18.55
N CYS A 126 -31.62 -12.78 -17.87
CA CYS A 126 -33.03 -13.04 -18.15
C CYS A 126 -33.48 -12.08 -19.23
N ASN A 127 -32.51 -11.36 -19.77
CA ASN A 127 -32.73 -10.41 -20.86
C ASN A 127 -33.62 -9.23 -20.47
N ALA A 128 -33.36 -8.65 -19.31
CA ALA A 128 -34.13 -7.52 -18.82
C ALA A 128 -33.73 -6.20 -19.46
N MET A 129 -32.53 -6.15 -20.03
CA MET A 129 -32.03 -4.92 -20.66
C MET A 129 -32.89 -4.41 -21.83
N GLU A 130 -33.42 -5.32 -22.65
CA GLU A 130 -34.23 -4.91 -23.80
C GLU A 130 -35.39 -4.05 -23.36
N PRO A 131 -36.33 -4.62 -22.59
CA PRO A 131 -37.46 -3.82 -22.14
C PRO A 131 -37.05 -2.60 -21.29
N ILE A 132 -36.03 -2.76 -20.46
CA ILE A 132 -35.59 -1.63 -19.64
C ILE A 132 -35.24 -0.40 -20.50
N LEU A 133 -34.49 -0.59 -21.57
CA LEU A 133 -34.14 0.55 -22.40
C LEU A 133 -35.35 1.25 -22.99
N GLY A 134 -36.43 0.49 -23.12
CA GLY A 134 -37.68 1.02 -23.67
C GLY A 134 -38.42 1.90 -22.68
N LEU A 135 -38.19 1.71 -21.39
CA LEU A 135 -38.83 2.54 -20.38
C LEU A 135 -38.43 4.00 -20.56
N PHE A 136 -37.22 4.24 -21.09
CA PHE A 136 -36.72 5.60 -21.25
C PHE A 136 -37.40 6.41 -22.37
N ASN A 137 -38.21 5.75 -23.18
CA ASN A 137 -38.89 6.46 -24.26
C ASN A 137 -40.17 7.09 -23.73
N SER A 138 -40.36 7.09 -22.41
CA SER A 138 -41.56 7.70 -21.82
C SER A 138 -41.24 9.12 -21.33
N ASN A 139 -42.28 9.86 -20.98
CA ASN A 139 -42.08 11.22 -20.51
C ASN A 139 -42.09 11.33 -18.97
N LYS A 140 -42.73 10.37 -18.30
CA LYS A 140 -42.81 10.43 -16.85
C LYS A 140 -41.48 10.29 -16.13
N PRO A 141 -41.03 11.39 -15.50
CA PRO A 141 -39.78 11.49 -14.74
C PRO A 141 -39.61 10.46 -13.61
N SER A 142 -40.67 10.21 -12.84
CA SER A 142 -40.60 9.26 -11.74
C SER A 142 -40.15 7.89 -12.24
N LEU A 143 -40.85 7.36 -13.24
CA LEU A 143 -40.50 6.06 -13.82
C LEU A 143 -39.07 6.07 -14.36
N ILE A 144 -38.69 7.16 -15.03
CA ILE A 144 -37.35 7.28 -15.60
C ILE A 144 -36.30 7.41 -14.51
N ARG A 145 -36.72 7.88 -13.35
CA ARG A 145 -35.78 8.05 -12.26
C ARG A 145 -35.48 6.68 -11.63
N THR A 146 -36.49 5.82 -11.53
CA THR A 146 -36.29 4.50 -10.93
C THR A 146 -35.52 3.61 -11.90
N ALA A 147 -35.82 3.76 -13.18
CA ALA A 147 -35.14 2.97 -14.18
C ALA A 147 -33.67 3.34 -14.25
N THR A 148 -33.34 4.60 -13.96
CA THR A 148 -31.96 5.06 -13.99
C THR A 148 -31.20 4.46 -12.81
N TRP A 149 -31.83 4.48 -11.65
CA TRP A 149 -31.23 3.88 -10.46
C TRP A 149 -30.97 2.38 -10.72
N THR A 150 -32.00 1.64 -11.13
CA THR A 150 -31.87 0.21 -11.40
C THR A 150 -30.74 -0.08 -12.40
N LEU A 151 -30.64 0.75 -13.42
CA LEU A 151 -29.61 0.61 -14.44
C LEU A 151 -28.24 0.71 -13.79
N SER A 152 -28.16 1.55 -12.76
CA SER A 152 -26.93 1.78 -12.03
C SER A 152 -26.49 0.47 -11.35
N ASN A 153 -27.42 -0.20 -10.67
CA ASN A 153 -27.05 -1.45 -10.03
C ASN A 153 -26.57 -2.50 -11.05
N LEU A 154 -27.21 -2.56 -12.21
CA LEU A 154 -26.83 -3.50 -13.25
C LEU A 154 -25.38 -3.29 -13.76
N CYS A 155 -24.95 -2.03 -13.84
CA CYS A 155 -23.59 -1.74 -14.28
C CYS A 155 -22.51 -1.86 -13.18
N ARG A 156 -22.94 -1.68 -11.93
CA ARG A 156 -22.02 -1.74 -10.79
C ARG A 156 -21.44 -3.12 -10.54
N GLY A 157 -20.15 -3.15 -10.23
CA GLY A 157 -19.49 -4.41 -9.96
C GLY A 157 -18.23 -4.51 -10.78
N LYS A 158 -17.10 -4.71 -10.11
CA LYS A 158 -15.85 -4.81 -10.83
C LYS A 158 -15.15 -6.10 -10.44
N LYS A 159 -15.66 -6.77 -9.41
CA LYS A 159 -15.13 -8.07 -9.02
C LYS A 159 -15.74 -8.79 -10.23
N PRO A 160 -16.54 -9.85 -10.06
CA PRO A 160 -16.98 -10.32 -11.38
C PRO A 160 -17.72 -9.17 -12.07
N GLN A 161 -17.14 -8.64 -13.16
CA GLN A 161 -17.80 -7.53 -13.84
C GLN A 161 -18.98 -8.01 -14.65
N PRO A 162 -19.95 -7.12 -14.90
CA PRO A 162 -21.14 -7.47 -15.68
C PRO A 162 -20.80 -7.74 -17.14
N ASP A 163 -21.63 -8.56 -17.78
CA ASP A 163 -21.47 -8.93 -19.19
C ASP A 163 -21.33 -7.65 -20.05
N TRP A 164 -20.14 -7.37 -20.55
CA TRP A 164 -19.93 -6.14 -21.34
C TRP A 164 -20.77 -6.00 -22.60
N SER A 165 -21.04 -7.12 -23.27
CA SER A 165 -21.84 -7.05 -24.50
C SER A 165 -23.28 -6.62 -24.20
N VAL A 166 -23.72 -6.80 -22.95
CA VAL A 166 -25.07 -6.41 -22.59
C VAL A 166 -25.08 -4.98 -22.05
N VAL A 167 -24.40 -4.75 -20.93
CA VAL A 167 -24.39 -3.40 -20.36
C VAL A 167 -23.90 -2.28 -21.29
N SER A 168 -22.96 -2.59 -22.19
CA SER A 168 -22.43 -1.58 -23.11
C SER A 168 -23.55 -0.92 -23.92
N GLN A 169 -24.63 -1.66 -24.13
CA GLN A 169 -25.78 -1.17 -24.89
C GLN A 169 -26.53 0.02 -24.28
N ALA A 170 -26.32 0.28 -23.00
CA ALA A 170 -27.02 1.38 -22.35
C ALA A 170 -26.35 2.75 -22.57
N LEU A 171 -25.12 2.75 -23.09
CA LEU A 171 -24.37 3.99 -23.32
C LEU A 171 -25.12 5.11 -24.05
N PRO A 172 -25.73 4.82 -25.19
CA PRO A 172 -26.47 5.88 -25.89
C PRO A 172 -27.52 6.53 -25.00
N THR A 173 -28.26 5.73 -24.24
CA THR A 173 -29.30 6.28 -23.37
C THR A 173 -28.65 7.13 -22.29
N LEU A 174 -27.64 6.58 -21.65
CA LEU A 174 -26.92 7.31 -20.63
C LEU A 174 -26.50 8.67 -21.19
N ALA A 175 -25.92 8.64 -22.39
CA ALA A 175 -25.46 9.86 -23.02
C ALA A 175 -26.51 10.99 -22.93
N LYS A 176 -27.78 10.65 -23.11
CA LYS A 176 -28.83 11.66 -23.04
C LYS A 176 -29.14 11.99 -21.59
N LEU A 177 -29.24 10.95 -20.75
CA LEU A 177 -29.56 11.13 -19.35
C LEU A 177 -28.69 12.14 -18.60
N ILE A 178 -27.45 12.36 -19.05
CA ILE A 178 -26.60 13.32 -18.37
C ILE A 178 -26.88 14.78 -18.71
N TYR A 179 -28.05 15.01 -19.32
CA TYR A 179 -28.52 16.36 -19.64
C TYR A 179 -29.87 16.55 -18.98
N SER A 180 -30.20 15.66 -18.05
CA SER A 180 -31.49 15.74 -17.34
C SER A 180 -31.52 16.91 -16.33
N MET A 181 -32.72 17.39 -16.05
CA MET A 181 -32.91 18.46 -15.08
C MET A 181 -33.05 17.83 -13.67
N ASP A 182 -33.47 16.57 -13.62
CA ASP A 182 -33.67 15.89 -12.34
C ASP A 182 -32.35 15.46 -11.72
N THR A 183 -32.06 16.00 -10.54
CA THR A 183 -30.82 15.69 -9.84
C THR A 183 -30.66 14.22 -9.49
N GLU A 184 -31.68 13.60 -8.92
CA GLU A 184 -31.57 12.20 -8.58
C GLU A 184 -31.18 11.37 -9.82
N THR A 185 -31.90 11.57 -10.93
CA THR A 185 -31.62 10.86 -12.19
C THR A 185 -30.19 11.16 -12.64
N LEU A 186 -29.89 12.44 -12.75
CA LEU A 186 -28.58 12.91 -13.18
C LEU A 186 -27.47 12.22 -12.38
N VAL A 187 -27.59 12.26 -11.06
CA VAL A 187 -26.61 11.64 -10.19
C VAL A 187 -26.38 10.17 -10.55
N ASP A 188 -27.45 9.37 -10.59
CA ASP A 188 -27.30 7.94 -10.89
C ASP A 188 -26.78 7.62 -12.30
N ALA A 189 -27.07 8.49 -13.27
CA ALA A 189 -26.58 8.24 -14.61
C ALA A 189 -25.05 8.36 -14.65
N CYS A 190 -24.51 9.30 -13.86
CA CYS A 190 -23.06 9.51 -13.81
C CYS A 190 -22.39 8.32 -13.15
N TRP A 191 -22.94 7.86 -12.03
CA TRP A 191 -22.37 6.70 -11.36
C TRP A 191 -22.35 5.49 -12.28
N ALA A 192 -23.37 5.39 -13.13
CA ALA A 192 -23.47 4.27 -14.05
C ALA A 192 -22.36 4.35 -15.10
N ILE A 193 -22.11 5.56 -15.59
CA ILE A 193 -21.08 5.75 -16.60
C ILE A 193 -19.72 5.47 -15.99
N SER A 194 -19.53 5.84 -14.74
CA SER A 194 -18.26 5.60 -14.08
C SER A 194 -18.03 4.10 -13.88
N TYR A 195 -19.09 3.32 -13.72
CA TYR A 195 -18.96 1.87 -13.54
C TYR A 195 -18.55 1.22 -14.86
N LEU A 196 -19.09 1.73 -15.95
CA LEU A 196 -18.76 1.20 -17.27
C LEU A 196 -17.36 1.63 -17.70
N SER A 197 -16.82 2.65 -17.04
CA SER A 197 -15.49 3.18 -17.37
C SER A 197 -14.33 2.51 -16.62
N ASP A 198 -14.63 1.82 -15.52
CA ASP A 198 -13.61 1.15 -14.74
C ASP A 198 -13.11 -0.11 -15.44
N GLY A 199 -13.22 -0.15 -16.77
CA GLY A 199 -12.78 -1.34 -17.49
C GLY A 199 -11.58 -1.20 -18.40
N PRO A 200 -11.40 -2.16 -19.34
CA PRO A 200 -10.33 -2.24 -20.34
C PRO A 200 -10.43 -1.15 -21.40
N GLN A 201 -9.42 -1.05 -22.26
CA GLN A 201 -9.40 -0.05 -23.32
C GLN A 201 -10.65 -0.08 -24.18
N GLU A 202 -11.19 -1.28 -24.38
CA GLU A 202 -12.40 -1.41 -25.18
C GLU A 202 -13.52 -0.58 -24.57
N ALA A 203 -13.68 -0.69 -23.25
CA ALA A 203 -14.73 0.05 -22.54
C ALA A 203 -14.49 1.53 -22.59
N ILE A 204 -13.23 1.96 -22.42
CA ILE A 204 -12.91 3.38 -22.45
C ILE A 204 -13.21 3.97 -23.83
N GLN A 205 -12.96 3.19 -24.87
CA GLN A 205 -13.20 3.69 -26.22
C GLN A 205 -14.69 3.85 -26.50
N ALA A 206 -15.50 2.99 -25.91
CA ALA A 206 -16.94 3.07 -26.11
C ALA A 206 -17.47 4.39 -25.55
N VAL A 207 -17.12 4.71 -24.30
CA VAL A 207 -17.55 5.96 -23.69
C VAL A 207 -17.10 7.14 -24.55
N ILE A 208 -15.86 7.08 -25.02
CA ILE A 208 -15.31 8.14 -25.85
C ILE A 208 -16.08 8.35 -27.16
N ASP A 209 -16.40 7.24 -27.84
CA ASP A 209 -17.12 7.32 -29.12
C ASP A 209 -18.58 7.78 -29.02
N VAL A 210 -19.22 7.60 -27.88
CA VAL A 210 -20.60 8.05 -27.74
C VAL A 210 -20.58 9.51 -27.27
N ARG A 211 -19.41 10.15 -27.45
CA ARG A 211 -19.15 11.55 -27.11
C ARG A 211 -19.59 12.04 -25.71
N ILE A 212 -19.33 11.22 -24.69
CA ILE A 212 -19.68 11.56 -23.32
C ILE A 212 -18.71 12.52 -22.61
N PRO A 213 -17.39 12.22 -22.64
CA PRO A 213 -16.37 13.07 -22.00
C PRO A 213 -16.51 14.60 -22.00
N LYS A 214 -16.89 15.20 -23.12
CA LYS A 214 -17.04 16.65 -23.11
C LYS A 214 -18.12 17.13 -22.13
N ARG A 215 -19.25 16.41 -22.11
CA ARG A 215 -20.35 16.75 -21.21
C ARG A 215 -19.90 16.47 -19.78
N LEU A 216 -19.35 15.29 -19.59
CA LEU A 216 -18.83 14.83 -18.30
C LEU A 216 -17.96 15.92 -17.69
N VAL A 217 -17.20 16.61 -18.54
CA VAL A 217 -16.37 17.69 -18.04
C VAL A 217 -17.21 18.89 -17.58
N GLU A 218 -18.22 19.26 -18.36
CA GLU A 218 -19.06 20.41 -18.00
C GLU A 218 -19.71 20.14 -16.66
N LEU A 219 -19.92 18.86 -16.36
CA LEU A 219 -20.55 18.48 -15.10
C LEU A 219 -19.65 18.57 -13.87
N LEU A 220 -18.34 18.69 -14.07
CA LEU A 220 -17.42 18.81 -12.94
C LEU A 220 -17.72 20.12 -12.19
N SER A 221 -18.21 21.11 -12.92
CA SER A 221 -18.51 22.40 -12.32
C SER A 221 -19.95 22.59 -11.86
N HIS A 222 -20.65 21.50 -11.60
CA HIS A 222 -22.02 21.54 -11.12
C HIS A 222 -21.92 22.01 -9.64
N GLU A 223 -23.01 22.45 -9.02
CA GLU A 223 -22.86 22.90 -7.63
C GLU A 223 -23.09 21.85 -6.57
N SER A 224 -23.60 20.69 -6.97
CA SER A 224 -23.82 19.60 -6.02
C SER A 224 -22.64 18.64 -6.12
N THR A 225 -21.99 18.37 -4.98
CA THR A 225 -20.89 17.45 -4.98
C THR A 225 -21.41 16.05 -5.25
N LEU A 226 -22.73 15.90 -5.30
CA LEU A 226 -23.32 14.59 -5.59
C LEU A 226 -23.13 14.27 -7.07
N VAL A 227 -22.98 15.32 -7.87
CA VAL A 227 -22.78 15.20 -9.31
C VAL A 227 -21.28 15.22 -9.59
N GLN A 228 -20.57 16.02 -8.80
CA GLN A 228 -19.14 16.15 -8.94
C GLN A 228 -18.37 14.87 -8.63
N THR A 229 -18.81 14.13 -7.62
CA THR A 229 -18.13 12.89 -7.23
C THR A 229 -18.10 11.79 -8.32
N PRO A 230 -19.27 11.37 -8.85
CA PRO A 230 -19.30 10.33 -9.90
C PRO A 230 -18.75 10.80 -11.25
N ALA A 231 -18.90 12.09 -11.53
CA ALA A 231 -18.41 12.66 -12.78
C ALA A 231 -16.89 12.64 -12.77
N LEU A 232 -16.28 13.01 -11.64
CA LEU A 232 -14.84 13.00 -11.51
C LEU A 232 -14.28 11.59 -11.58
N ARG A 233 -15.01 10.63 -11.01
CA ARG A 233 -14.57 9.24 -10.97
C ARG A 233 -14.51 8.63 -12.39
N ALA A 234 -15.40 9.06 -13.27
CA ALA A 234 -15.40 8.56 -14.65
C ALA A 234 -14.31 9.24 -15.46
N VAL A 235 -14.21 10.56 -15.33
CA VAL A 235 -13.18 11.34 -16.03
C VAL A 235 -11.82 10.75 -15.68
N GLY A 236 -11.62 10.50 -14.39
CA GLY A 236 -10.36 9.94 -13.95
C GLY A 236 -10.13 8.58 -14.56
N ASN A 237 -11.18 7.77 -14.69
CA ASN A 237 -10.99 6.44 -15.26
C ASN A 237 -10.57 6.48 -16.72
N ILE A 238 -11.03 7.50 -17.43
CA ILE A 238 -10.69 7.63 -18.83
C ILE A 238 -9.20 7.92 -19.04
N VAL A 239 -8.65 8.92 -18.34
CA VAL A 239 -7.23 9.26 -18.50
C VAL A 239 -6.31 8.12 -18.08
N THR A 240 -6.92 6.97 -17.75
CA THR A 240 -6.19 5.78 -17.39
C THR A 240 -5.68 5.14 -18.68
N GLY A 241 -6.42 5.33 -19.77
CA GLY A 241 -6.04 4.75 -21.06
C GLY A 241 -4.84 5.41 -21.71
N ASN A 242 -4.53 4.96 -22.93
CA ASN A 242 -3.39 5.45 -23.70
C ASN A 242 -3.44 6.95 -23.99
N ASP A 243 -2.33 7.47 -24.49
CA ASP A 243 -2.20 8.90 -24.79
C ASP A 243 -3.33 9.50 -25.62
N LEU A 244 -3.70 8.80 -26.69
CA LEU A 244 -4.77 9.28 -27.55
C LEU A 244 -6.09 9.40 -26.81
N GLN A 245 -6.44 8.40 -26.01
CA GLN A 245 -7.67 8.43 -25.27
C GLN A 245 -7.61 9.56 -24.23
N THR A 246 -6.40 9.83 -23.73
CA THR A 246 -6.23 10.88 -22.74
C THR A 246 -6.29 12.28 -23.38
N GLN A 247 -5.90 12.40 -24.64
CA GLN A 247 -5.94 13.69 -25.32
C GLN A 247 -7.36 14.13 -25.55
N VAL A 248 -8.25 13.15 -25.78
CA VAL A 248 -9.65 13.47 -25.98
C VAL A 248 -10.16 14.24 -24.75
N VAL A 249 -9.70 13.85 -23.57
CA VAL A 249 -10.14 14.50 -22.33
C VAL A 249 -9.43 15.84 -22.07
N ILE A 250 -8.17 15.96 -22.49
CA ILE A 250 -7.46 17.22 -22.32
C ILE A 250 -8.14 18.24 -23.23
N ASN A 251 -8.50 17.80 -24.44
CA ASN A 251 -9.16 18.65 -25.41
C ASN A 251 -10.55 19.09 -24.98
N ALA A 252 -11.18 18.33 -24.10
CA ALA A 252 -12.52 18.68 -23.62
C ALA A 252 -12.42 19.76 -22.52
N GLY A 253 -11.23 20.29 -22.31
CA GLY A 253 -11.02 21.32 -21.30
C GLY A 253 -11.10 20.87 -19.85
N VAL A 254 -10.65 19.64 -19.60
CA VAL A 254 -10.68 19.04 -18.27
C VAL A 254 -9.64 19.67 -17.31
N LEU A 255 -8.52 20.10 -17.85
CA LEU A 255 -7.48 20.69 -17.02
C LEU A 255 -7.95 21.93 -16.27
N PRO A 256 -8.55 22.90 -16.98
CA PRO A 256 -9.00 24.09 -16.26
C PRO A 256 -10.05 23.71 -15.20
N ALA A 257 -10.80 22.66 -15.47
CA ALA A 257 -11.83 22.20 -14.54
C ALA A 257 -11.19 21.59 -13.30
N LEU A 258 -10.03 20.95 -13.45
CA LEU A 258 -9.35 20.34 -12.32
C LEU A 258 -8.70 21.38 -11.42
N ARG A 259 -8.28 22.50 -12.01
CA ARG A 259 -7.65 23.54 -11.22
C ARG A 259 -8.62 23.93 -10.11
N LEU A 260 -9.91 24.05 -10.43
CA LEU A 260 -10.90 24.41 -9.42
C LEU A 260 -11.09 23.32 -8.37
N LEU A 261 -11.24 22.07 -8.80
CA LEU A 261 -11.47 20.95 -7.88
C LEU A 261 -10.43 20.78 -6.77
N LEU A 262 -9.24 21.34 -6.98
CA LEU A 262 -8.17 21.23 -5.98
C LEU A 262 -8.55 22.07 -4.76
N SER A 263 -9.42 23.05 -4.95
CA SER A 263 -9.84 23.91 -3.85
C SER A 263 -11.09 23.36 -3.17
N SER A 264 -11.65 22.30 -3.75
CA SER A 264 -12.83 21.65 -3.20
C SER A 264 -12.79 21.46 -1.69
N PRO A 265 -13.86 21.84 -0.99
CA PRO A 265 -13.87 21.66 0.47
C PRO A 265 -13.86 20.17 0.81
N LYS A 266 -14.47 19.34 -0.04
CA LYS A 266 -14.55 17.89 0.16
C LYS A 266 -13.16 17.27 -0.06
N GLU A 267 -12.63 16.63 0.98
CA GLU A 267 -11.30 16.03 0.92
C GLU A 267 -11.11 14.95 -0.14
N ASN A 268 -12.00 13.95 -0.21
CA ASN A 268 -11.82 12.90 -1.21
C ASN A 268 -11.83 13.42 -2.65
N ILE A 269 -12.37 14.62 -2.85
CA ILE A 269 -12.41 15.23 -4.17
C ILE A 269 -11.05 15.82 -4.54
N LYS A 270 -10.37 16.41 -3.56
CA LYS A 270 -9.03 16.98 -3.78
C LYS A 270 -8.12 15.82 -4.18
N LYS A 271 -8.30 14.70 -3.49
CA LYS A 271 -7.51 13.51 -3.74
C LYS A 271 -7.63 13.06 -5.20
N GLU A 272 -8.83 12.62 -5.59
CA GLU A 272 -9.09 12.14 -6.94
C GLU A 272 -8.74 13.14 -8.04
N ALA A 273 -8.74 14.42 -7.70
CA ALA A 273 -8.39 15.45 -8.67
C ALA A 273 -6.88 15.31 -8.93
N CYS A 274 -6.13 15.06 -7.86
CA CYS A 274 -4.68 14.89 -7.97
C CYS A 274 -4.36 13.59 -8.69
N TRP A 275 -5.16 12.56 -8.41
CA TRP A 275 -5.04 11.25 -9.00
C TRP A 275 -5.20 11.39 -10.52
N THR A 276 -6.27 12.05 -10.94
CA THR A 276 -6.52 12.27 -12.35
C THR A 276 -5.31 13.02 -12.92
N ILE A 277 -4.99 14.19 -12.36
CA ILE A 277 -3.85 14.92 -12.87
C ILE A 277 -2.60 14.04 -13.02
N SER A 278 -2.35 13.15 -12.06
CA SER A 278 -1.17 12.30 -12.15
C SER A 278 -1.18 11.31 -13.33
N ASN A 279 -2.36 10.85 -13.74
CA ASN A 279 -2.40 9.93 -14.88
C ASN A 279 -2.21 10.71 -16.19
N ILE A 280 -2.35 12.03 -16.13
CA ILE A 280 -2.17 12.84 -17.31
C ILE A 280 -0.70 13.27 -17.42
N THR A 281 0.00 13.33 -16.29
CA THR A 281 1.41 13.69 -16.30
C THR A 281 2.22 12.44 -16.52
N ALA A 282 1.50 11.32 -16.68
CA ALA A 282 2.12 10.03 -16.94
C ALA A 282 2.14 9.82 -18.46
N GLY A 283 1.57 10.78 -19.18
CA GLY A 283 1.53 10.72 -20.65
C GLY A 283 2.75 11.35 -21.30
N ASN A 284 2.65 11.67 -22.59
CA ASN A 284 3.77 12.26 -23.33
C ASN A 284 4.21 13.65 -22.84
N THR A 285 5.30 14.13 -23.42
CA THR A 285 5.88 15.42 -23.09
C THR A 285 4.92 16.59 -23.24
N GLU A 286 4.18 16.58 -24.36
CA GLU A 286 3.23 17.64 -24.64
C GLU A 286 2.14 17.72 -23.56
N GLN A 287 1.63 16.56 -23.16
CA GLN A 287 0.57 16.50 -22.15
C GLN A 287 1.08 17.03 -20.81
N ILE A 288 2.37 16.81 -20.54
CA ILE A 288 2.97 17.31 -19.30
C ILE A 288 3.04 18.83 -19.36
N GLN A 289 3.30 19.36 -20.55
CA GLN A 289 3.39 20.81 -20.73
C GLN A 289 1.99 21.41 -20.60
N ALA A 290 1.00 20.69 -21.12
CA ALA A 290 -0.38 21.14 -21.05
C ALA A 290 -0.76 21.40 -19.60
N VAL A 291 -0.36 20.47 -18.74
CA VAL A 291 -0.63 20.57 -17.31
C VAL A 291 0.09 21.79 -16.72
N ILE A 292 1.34 21.98 -17.13
CA ILE A 292 2.12 23.12 -16.66
C ILE A 292 1.52 24.45 -17.12
N ASP A 293 1.00 24.48 -18.34
CA ASP A 293 0.40 25.71 -18.87
C ASP A 293 -0.96 25.99 -18.24
N ALA A 294 -1.63 24.95 -17.77
CA ALA A 294 -2.93 25.12 -17.15
C ALA A 294 -2.75 25.77 -15.78
N ASN A 295 -1.52 25.76 -15.29
CA ASN A 295 -1.17 26.33 -14.00
C ASN A 295 -1.62 25.49 -12.82
N LEU A 296 -1.41 24.18 -12.93
CA LEU A 296 -1.79 23.23 -11.90
C LEU A 296 -0.66 22.93 -10.92
N ILE A 297 0.59 23.15 -11.34
CA ILE A 297 1.73 22.86 -10.48
C ILE A 297 1.72 23.60 -9.14
N PRO A 298 1.51 24.92 -9.15
CA PRO A 298 1.50 25.64 -7.87
C PRO A 298 0.53 25.08 -6.82
N PRO A 299 -0.76 24.92 -7.16
CA PRO A 299 -1.67 24.39 -6.13
C PRO A 299 -1.29 22.96 -5.73
N LEU A 300 -0.74 22.21 -6.68
CA LEU A 300 -0.31 20.85 -6.43
C LEU A 300 0.77 20.86 -5.34
N VAL A 301 1.72 21.78 -5.46
CA VAL A 301 2.80 21.90 -4.50
C VAL A 301 2.30 22.27 -3.10
N LYS A 302 1.25 23.08 -3.06
CA LYS A 302 0.69 23.49 -1.79
C LYS A 302 0.07 22.29 -1.08
N LEU A 303 -0.69 21.50 -1.82
CA LEU A 303 -1.31 20.31 -1.24
C LEU A 303 -0.23 19.30 -0.88
N LEU A 304 0.84 19.29 -1.66
CA LEU A 304 1.94 18.37 -1.43
C LEU A 304 2.50 18.64 -0.05
N GLU A 305 2.50 19.91 0.37
CA GLU A 305 3.04 20.22 1.68
C GLU A 305 2.02 20.31 2.83
N VAL A 306 0.74 20.55 2.55
CA VAL A 306 -0.19 20.65 3.68
C VAL A 306 -1.44 19.77 3.72
N ALA A 307 -1.73 19.04 2.65
CA ALA A 307 -2.92 18.19 2.62
C ALA A 307 -2.83 17.01 3.57
N GLU A 308 -3.92 16.24 3.66
CA GLU A 308 -3.95 15.03 4.50
C GLU A 308 -3.03 14.05 3.76
N TYR A 309 -2.58 12.99 4.45
CA TYR A 309 -1.67 12.04 3.80
C TYR A 309 -2.22 11.43 2.50
N LYS A 310 -3.44 10.91 2.54
CA LYS A 310 -4.05 10.29 1.36
C LYS A 310 -4.15 11.22 0.15
N THR A 311 -4.01 12.53 0.38
CA THR A 311 -4.04 13.49 -0.72
C THR A 311 -2.62 13.84 -1.16
N LYS A 312 -1.72 14.07 -0.20
CA LYS A 312 -0.31 14.38 -0.52
C LYS A 312 0.22 13.28 -1.41
N LYS A 313 -0.14 12.05 -1.03
CA LYS A 313 0.23 10.83 -1.69
C LYS A 313 0.03 10.95 -3.21
N GLU A 314 -1.15 11.44 -3.59
CA GLU A 314 -1.50 11.62 -4.99
C GLU A 314 -0.76 12.80 -5.62
N ALA A 315 -0.62 13.89 -4.86
CA ALA A 315 0.10 15.07 -5.35
C ALA A 315 1.52 14.65 -5.70
N CYS A 316 2.10 13.83 -4.85
CA CYS A 316 3.44 13.32 -5.05
C CYS A 316 3.53 12.65 -6.43
N TRP A 317 2.68 11.68 -6.70
CA TRP A 317 2.73 11.04 -8.00
C TRP A 317 2.72 12.06 -9.14
N ALA A 318 1.66 12.88 -9.18
CA ALA A 318 1.51 13.90 -10.20
C ALA A 318 2.82 14.63 -10.50
N ILE A 319 3.43 15.19 -9.46
CA ILE A 319 4.69 15.94 -9.58
C ILE A 319 5.87 15.05 -10.01
N SER A 320 5.91 13.84 -9.46
CA SER A 320 6.96 12.88 -9.77
C SER A 320 6.88 12.44 -11.22
N ASN A 321 5.68 12.08 -11.68
CA ASN A 321 5.52 11.66 -13.07
C ASN A 321 5.95 12.79 -14.01
N ALA A 322 5.68 14.03 -13.60
CA ALA A 322 6.05 15.20 -14.40
C ALA A 322 7.57 15.25 -14.55
N SER A 323 8.28 15.00 -13.46
CA SER A 323 9.74 15.05 -13.50
C SER A 323 10.33 14.10 -14.54
N SER A 324 9.59 13.06 -14.91
CA SER A 324 10.06 12.12 -15.91
C SER A 324 10.33 12.84 -17.20
N GLY A 325 9.33 13.56 -17.69
CA GLY A 325 9.48 14.29 -18.93
C GLY A 325 10.59 15.32 -18.85
N GLY A 326 11.44 15.20 -17.83
CA GLY A 326 12.55 16.12 -17.68
C GLY A 326 13.73 15.73 -18.54
N LEU A 327 13.82 14.44 -18.86
CA LEU A 327 14.89 13.96 -19.73
C LEU A 327 14.78 14.69 -21.06
N GLN A 328 13.56 14.71 -21.60
CA GLN A 328 13.28 15.37 -22.89
C GLN A 328 13.32 16.91 -22.80
N ARG A 329 12.53 17.49 -21.90
CA ARG A 329 12.54 18.95 -21.72
C ARG A 329 13.12 19.36 -20.39
N PRO A 330 14.42 19.65 -20.36
CA PRO A 330 15.10 20.06 -19.14
C PRO A 330 14.41 21.21 -18.41
N ASP A 331 13.63 22.01 -19.14
CA ASP A 331 12.94 23.14 -18.52
C ASP A 331 11.82 22.74 -17.59
N ILE A 332 11.14 21.63 -17.89
CA ILE A 332 10.07 21.14 -17.03
C ILE A 332 10.63 21.06 -15.61
N ILE A 333 11.78 20.40 -15.48
CA ILE A 333 12.44 20.27 -14.19
C ILE A 333 12.74 21.66 -13.60
N ARG A 334 13.27 22.56 -14.43
CA ARG A 334 13.57 23.91 -13.96
C ARG A 334 12.31 24.58 -13.43
N TYR A 335 11.21 24.47 -14.19
CA TYR A 335 9.96 25.07 -13.77
C TYR A 335 9.58 24.50 -12.42
N LEU A 336 9.45 23.17 -12.35
CA LEU A 336 9.09 22.50 -11.11
C LEU A 336 9.92 22.98 -9.93
N VAL A 337 11.24 23.06 -10.11
CA VAL A 337 12.12 23.52 -9.04
C VAL A 337 11.86 24.97 -8.70
N SER A 338 11.61 25.79 -9.72
CA SER A 338 11.35 27.21 -9.49
C SER A 338 10.09 27.40 -8.66
N GLN A 339 9.15 26.46 -8.77
CA GLN A 339 7.90 26.53 -8.03
C GLN A 339 8.00 26.01 -6.59
N GLY A 340 9.19 25.54 -6.22
CA GLY A 340 9.42 25.06 -4.87
C GLY A 340 8.88 23.70 -4.45
N CYS A 341 9.10 22.68 -5.27
CA CYS A 341 8.61 21.34 -4.94
C CYS A 341 9.64 20.54 -4.15
N ILE A 342 10.90 20.99 -4.21
CA ILE A 342 12.00 20.32 -3.51
C ILE A 342 11.78 20.18 -1.99
N LYS A 343 11.57 21.29 -1.31
CA LYS A 343 11.35 21.27 0.12
C LYS A 343 10.21 20.36 0.59
N PRO A 344 9.03 20.48 -0.05
CA PRO A 344 7.87 19.65 0.32
C PRO A 344 8.11 18.18 -0.02
N LEU A 345 8.92 17.97 -1.05
CA LEU A 345 9.27 16.63 -1.50
C LEU A 345 10.16 15.95 -0.45
N CYS A 346 11.25 16.62 -0.04
CA CYS A 346 12.18 16.08 0.96
C CYS A 346 11.48 15.75 2.27
N ASP A 347 10.60 16.65 2.71
CA ASP A 347 9.87 16.48 3.96
C ASP A 347 8.91 15.28 3.94
N LEU A 348 8.49 14.88 2.75
CA LEU A 348 7.58 13.76 2.66
C LEU A 348 8.26 12.45 3.03
N LEU A 349 9.55 12.33 2.76
CA LEU A 349 10.30 11.11 3.07
C LEU A 349 10.16 10.72 4.54
N GLU A 350 10.03 11.74 5.39
CA GLU A 350 9.93 11.55 6.84
C GLU A 350 8.65 10.87 7.35
N ILE A 351 7.56 10.95 6.61
CA ILE A 351 6.29 10.34 7.05
C ILE A 351 5.69 9.36 6.04
N ALA A 352 6.27 9.29 4.85
CA ALA A 352 5.76 8.42 3.82
C ALA A 352 5.97 6.92 4.05
N ASP A 353 5.24 6.13 3.28
CA ASP A 353 5.34 4.68 3.33
C ASP A 353 6.27 4.28 2.20
N ASN A 354 6.79 3.07 2.26
CA ASN A 354 7.73 2.58 1.27
C ASN A 354 7.49 2.91 -0.19
N ARG A 355 6.29 2.65 -0.70
CA ARG A 355 6.00 2.93 -2.11
C ARG A 355 6.14 4.42 -2.45
N ILE A 356 5.67 5.31 -1.56
CA ILE A 356 5.79 6.77 -1.78
C ILE A 356 7.25 7.28 -1.63
N ILE A 357 8.07 6.52 -0.91
CA ILE A 357 9.47 6.89 -0.77
C ILE A 357 10.16 6.66 -2.13
N GLU A 358 9.78 5.59 -2.82
CA GLU A 358 10.37 5.30 -4.13
C GLU A 358 10.00 6.37 -5.13
N VAL A 359 8.74 6.78 -5.11
CA VAL A 359 8.28 7.80 -6.02
C VAL A 359 8.97 9.13 -5.71
N THR A 360 9.18 9.41 -4.43
CA THR A 360 9.83 10.65 -4.04
C THR A 360 11.32 10.64 -4.41
N LEU A 361 11.98 9.50 -4.20
CA LEU A 361 13.39 9.42 -4.54
C LEU A 361 13.60 9.46 -6.06
N ASP A 362 12.65 8.95 -6.84
CA ASP A 362 12.79 9.01 -8.29
C ASP A 362 12.70 10.45 -8.76
N ALA A 363 11.78 11.20 -8.14
CA ALA A 363 11.59 12.61 -8.47
C ALA A 363 12.83 13.41 -8.06
N LEU A 364 13.25 13.27 -6.81
CA LEU A 364 14.44 13.98 -6.35
C LEU A 364 15.65 13.66 -7.22
N GLU A 365 15.73 12.41 -7.66
CA GLU A 365 16.81 11.94 -8.52
C GLU A 365 16.76 12.59 -9.91
N ASN A 366 15.58 12.64 -10.52
CA ASN A 366 15.45 13.26 -11.83
C ASN A 366 15.83 14.72 -11.67
N ILE A 367 15.32 15.37 -10.62
CA ILE A 367 15.62 16.78 -10.38
C ILE A 367 17.12 16.98 -10.27
N ILE A 368 17.80 16.03 -9.63
CA ILE A 368 19.25 16.10 -9.43
C ILE A 368 20.07 15.87 -10.71
N LYS A 369 19.63 14.95 -11.56
CA LYS A 369 20.32 14.67 -12.81
C LYS A 369 20.40 15.92 -13.68
N MET A 370 19.30 16.65 -13.80
CA MET A 370 19.23 17.86 -14.61
C MET A 370 20.15 18.94 -14.04
N GLY A 371 20.01 19.21 -12.75
CA GLY A 371 20.85 20.21 -12.11
C GLY A 371 22.32 19.90 -12.27
N GLU A 372 22.61 18.63 -12.54
CA GLU A 372 23.98 18.16 -12.73
C GLU A 372 24.39 18.41 -14.18
N ALA A 373 23.50 18.09 -15.12
CA ALA A 373 23.73 18.31 -16.53
C ALA A 373 23.97 19.80 -16.81
N ASP A 374 23.49 20.64 -15.90
CA ASP A 374 23.65 22.09 -16.04
C ASP A 374 25.00 22.53 -15.50
N LYS A 375 25.48 21.85 -14.47
CA LYS A 375 26.78 22.18 -13.89
C LYS A 375 27.77 22.10 -15.05
N GLU A 376 27.53 21.17 -15.96
CA GLU A 376 28.38 21.00 -17.13
C GLU A 376 28.23 22.22 -18.05
N ALA A 377 27.16 22.22 -18.85
CA ALA A 377 26.86 23.29 -19.81
C ALA A 377 27.23 24.68 -19.30
N ARG A 378 26.40 25.21 -18.40
CA ARG A 378 26.63 26.55 -17.82
C ARG A 378 27.96 26.65 -17.09
N GLY A 379 28.70 25.54 -17.04
CA GLY A 379 29.99 25.52 -16.38
C GLY A 379 29.97 25.96 -14.93
N LEU A 380 29.08 25.37 -14.13
CA LEU A 380 28.95 25.70 -12.72
C LEU A 380 29.86 24.83 -11.85
N ASN A 381 30.29 25.39 -10.72
CA ASN A 381 31.16 24.67 -9.79
C ASN A 381 30.37 23.66 -8.98
N ILE A 382 29.15 24.04 -8.60
CA ILE A 382 28.27 23.18 -7.80
C ILE A 382 26.96 22.85 -8.54
N ASN A 383 26.21 21.90 -7.98
CA ASN A 383 24.93 21.48 -8.54
C ASN A 383 23.83 22.23 -7.78
N GLU A 384 23.34 23.32 -8.37
CA GLU A 384 22.31 24.15 -7.74
C GLU A 384 21.23 23.37 -6.98
N ASN A 385 20.61 22.39 -7.64
CA ASN A 385 19.55 21.61 -7.00
C ASN A 385 20.05 20.79 -5.83
N ALA A 386 21.29 20.33 -5.92
CA ALA A 386 21.88 19.53 -4.84
C ALA A 386 21.96 20.39 -3.60
N ASP A 387 22.42 21.64 -3.76
CA ASP A 387 22.53 22.54 -2.64
C ASP A 387 21.16 22.86 -2.03
N PHE A 388 20.13 22.86 -2.88
CA PHE A 388 18.75 23.12 -2.45
C PHE A 388 18.25 22.01 -1.53
N ILE A 389 18.53 20.78 -1.93
CA ILE A 389 18.13 19.61 -1.16
C ILE A 389 18.84 19.50 0.20
N GLU A 390 20.10 19.93 0.25
CA GLU A 390 20.83 19.90 1.51
C GLU A 390 20.14 20.89 2.49
N LYS A 391 19.76 22.06 1.96
CA LYS A 391 19.10 23.09 2.75
C LYS A 391 17.80 22.59 3.41
N ALA A 392 16.90 22.08 2.58
CA ALA A 392 15.60 21.57 3.03
C ALA A 392 15.73 20.42 4.01
N GLY A 393 16.96 19.96 4.22
CA GLY A 393 17.20 18.85 5.12
C GLY A 393 16.96 17.55 4.38
N GLY A 394 16.89 17.63 3.06
CA GLY A 394 16.66 16.45 2.27
C GLY A 394 17.77 15.43 2.36
N MET A 395 19.01 15.92 2.29
CA MET A 395 20.21 15.08 2.36
C MET A 395 20.23 14.12 3.53
N GLU A 396 19.91 14.65 4.72
CA GLU A 396 19.91 13.81 5.91
C GLU A 396 18.88 12.70 5.79
N LYS A 397 17.67 13.07 5.35
CA LYS A 397 16.59 12.10 5.19
C LYS A 397 16.90 11.05 4.12
N ILE A 398 17.49 11.47 3.01
CA ILE A 398 17.85 10.52 1.96
C ILE A 398 18.84 9.56 2.57
N PHE A 399 19.74 10.10 3.38
CA PHE A 399 20.77 9.30 4.03
C PHE A 399 20.16 8.25 4.95
N ASN A 400 19.08 8.60 5.64
CA ASN A 400 18.44 7.65 6.54
C ASN A 400 17.77 6.48 5.81
N CYS A 401 17.35 6.70 4.57
CA CYS A 401 16.69 5.65 3.78
C CYS A 401 17.64 4.51 3.43
N GLN A 402 18.88 4.62 3.89
CA GLN A 402 19.86 3.57 3.63
C GLN A 402 19.64 2.42 4.61
N GLN A 403 18.87 2.69 5.67
CA GLN A 403 18.58 1.70 6.70
C GLN A 403 17.19 1.13 6.54
N ASN A 404 16.55 1.46 5.42
CA ASN A 404 15.22 0.97 5.11
C ASN A 404 15.40 -0.49 4.71
N GLU A 405 14.48 -1.35 5.17
CA GLU A 405 14.54 -2.78 4.88
C GLU A 405 14.34 -3.14 3.41
N ASN A 406 13.69 -2.25 2.67
CA ASN A 406 13.43 -2.49 1.26
C ASN A 406 14.66 -2.25 0.37
N ASP A 407 15.05 -3.28 -0.35
CA ASP A 407 16.22 -3.24 -1.24
C ASP A 407 16.14 -2.09 -2.23
N LYS A 408 15.03 -1.99 -2.97
CA LYS A 408 14.84 -0.92 -3.95
C LYS A 408 15.13 0.46 -3.38
N ILE A 409 14.77 0.67 -2.12
CA ILE A 409 14.99 1.96 -1.47
C ILE A 409 16.43 2.19 -1.02
N TYR A 410 16.95 1.32 -0.15
CA TYR A 410 18.31 1.57 0.33
C TYR A 410 19.32 1.59 -0.81
N GLU A 411 19.14 0.75 -1.80
CA GLU A 411 20.06 0.78 -2.92
C GLU A 411 20.00 2.13 -3.64
N LYS A 412 18.78 2.62 -3.86
CA LYS A 412 18.54 3.90 -4.52
C LYS A 412 19.17 5.03 -3.69
N ALA A 413 19.07 4.93 -2.36
CA ALA A 413 19.59 5.93 -1.45
C ALA A 413 21.12 6.04 -1.51
N TYR A 414 21.82 4.92 -1.42
CA TYR A 414 23.28 4.97 -1.47
C TYR A 414 23.76 5.57 -2.78
N LYS A 415 23.12 5.18 -3.87
CA LYS A 415 23.51 5.69 -5.18
C LYS A 415 23.37 7.21 -5.21
N ILE A 416 22.27 7.73 -4.68
CA ILE A 416 22.08 9.17 -4.68
C ILE A 416 23.15 9.89 -3.85
N ILE A 417 23.35 9.45 -2.61
CA ILE A 417 24.36 10.07 -1.75
C ILE A 417 25.75 9.99 -2.39
N GLU A 418 26.10 8.83 -2.91
CA GLU A 418 27.39 8.63 -3.53
C GLU A 418 27.54 9.58 -4.71
N THR A 419 26.66 9.41 -5.68
CA THR A 419 26.65 10.20 -6.89
C THR A 419 26.55 11.71 -6.71
N TYR A 420 25.75 12.18 -5.76
CA TYR A 420 25.61 13.63 -5.63
C TYR A 420 26.01 14.34 -4.36
N PHE A 421 26.41 13.60 -3.32
CA PHE A 421 26.80 14.25 -2.06
C PHE A 421 28.07 13.67 -1.43
N GLY A 422 29.18 13.73 -2.17
CA GLY A 422 30.45 13.22 -1.64
C GLY A 422 31.54 14.28 -1.64
N LYS B 1 -27.07 -0.95 -3.92
CA LYS B 1 -27.91 -0.64 -2.79
C LYS B 1 -29.37 -1.12 -2.99
N LYS B 2 -30.18 -0.96 -1.95
CA LYS B 2 -31.58 -1.35 -2.00
C LYS B 2 -32.47 -0.22 -1.46
N LYS B 3 -33.71 -0.17 -1.96
CA LYS B 3 -34.68 0.84 -1.54
C LYS B 3 -36.03 0.21 -1.24
N ARG B 4 -36.72 0.78 -0.25
CA ARG B 4 -38.03 0.31 0.16
C ARG B 4 -39.12 1.31 -0.24
N LYS B 5 -40.24 0.78 -0.73
CA LYS B 5 -41.36 1.62 -1.15
C LYS B 5 -42.23 1.97 0.02
N VAL B 6 -42.26 3.25 0.36
CA VAL B 6 -43.05 3.74 1.48
C VAL B 6 -44.16 4.66 0.98
N ALA C 1 3.63 4.20 -15.88
CA ALA C 1 3.32 5.00 -14.70
C ALA C 1 1.81 5.31 -14.55
N LYS C 2 0.96 4.64 -15.34
CA LYS C 2 -0.50 4.83 -15.29
C LYS C 2 -1.14 4.02 -14.17
N LYS C 3 -1.81 4.69 -13.22
CA LYS C 3 -2.45 4.02 -12.09
C LYS C 3 -3.96 3.93 -12.15
N ALA C 4 -4.46 2.68 -12.13
CA ALA C 4 -5.86 2.28 -12.15
C ALA C 4 -6.37 1.74 -10.79
N ALA C 5 -7.57 2.20 -10.59
CA ALA C 5 -8.61 2.00 -9.53
C ALA C 5 -9.58 3.20 -9.53
N LEU D 1 52.08 11.27 -10.23
CA LEU D 1 53.29 11.52 -11.01
C LEU D 1 53.66 10.30 -11.84
N PRO D 2 54.17 10.50 -13.06
CA PRO D 2 54.57 9.42 -13.96
C PRO D 2 55.80 8.70 -13.40
N GLN D 3 56.63 9.45 -12.68
CA GLN D 3 57.83 8.91 -12.07
C GLN D 3 57.50 7.71 -11.18
N MET D 4 56.37 7.82 -10.47
CA MET D 4 55.91 6.76 -9.58
C MET D 4 55.62 5.48 -10.34
N THR D 5 54.88 5.60 -11.44
CA THR D 5 54.55 4.44 -12.24
C THR D 5 55.82 3.74 -12.71
N GLN D 6 56.79 4.51 -13.17
CA GLN D 6 58.04 3.93 -13.63
C GLN D 6 58.64 3.05 -12.54
N GLN D 7 58.75 3.61 -11.34
CA GLN D 7 59.28 2.85 -10.20
C GLN D 7 58.50 1.57 -9.97
N LEU D 8 57.19 1.72 -9.78
CA LEU D 8 56.32 0.59 -9.51
C LEU D 8 56.58 -0.59 -10.44
N ASN D 9 57.00 -0.30 -11.67
CA ASN D 9 57.27 -1.37 -12.64
C ASN D 9 58.75 -1.74 -12.74
N SER D 10 59.53 -1.29 -11.75
CA SER D 10 60.97 -1.56 -11.69
C SER D 10 61.24 -2.97 -11.14
N ASP D 11 62.36 -3.58 -11.56
CA ASP D 11 62.72 -4.90 -11.09
C ASP D 11 63.31 -4.79 -9.70
N ASP D 12 63.74 -3.57 -9.36
CA ASP D 12 64.34 -3.29 -8.06
C ASP D 12 63.30 -3.31 -6.94
N MET D 13 63.42 -4.31 -6.07
CA MET D 13 62.51 -4.46 -4.93
C MET D 13 62.24 -3.15 -4.20
N GLN D 14 63.29 -2.55 -3.68
CA GLN D 14 63.21 -1.31 -2.94
C GLN D 14 62.42 -0.20 -3.66
N GLU D 15 62.66 0.00 -4.95
CA GLU D 15 61.92 1.03 -5.69
C GLU D 15 60.43 0.71 -5.79
N GLN D 16 60.09 -0.57 -5.71
CA GLN D 16 58.70 -1.04 -5.80
C GLN D 16 57.93 -0.72 -4.52
N LEU D 17 58.59 -0.96 -3.39
CA LEU D 17 58.00 -0.70 -2.09
C LEU D 17 57.80 0.80 -1.88
N SER D 18 58.71 1.58 -2.44
CA SER D 18 58.65 3.03 -2.34
C SER D 18 57.45 3.54 -3.14
N ALA D 19 57.21 2.92 -4.29
CA ALA D 19 56.09 3.33 -5.13
C ALA D 19 54.74 2.89 -4.56
N THR D 20 54.68 1.66 -4.04
CA THR D 20 53.42 1.18 -3.48
C THR D 20 53.03 2.01 -2.28
N VAL D 21 54.03 2.51 -1.56
CA VAL D 21 53.78 3.33 -0.40
C VAL D 21 53.26 4.69 -0.84
N LYS D 22 53.93 5.29 -1.81
CA LYS D 22 53.50 6.59 -2.34
C LYS D 22 52.08 6.45 -2.89
N PHE D 23 51.83 5.40 -3.68
CA PHE D 23 50.51 5.19 -4.25
C PHE D 23 49.45 5.06 -3.16
N ARG D 24 49.76 4.29 -2.13
CA ARG D 24 48.81 4.10 -1.05
C ARG D 24 48.58 5.39 -0.27
N GLN D 25 49.61 6.22 -0.18
CA GLN D 25 49.48 7.49 0.53
C GLN D 25 48.45 8.43 -0.08
N ILE D 26 48.49 8.60 -1.41
CA ILE D 26 47.54 9.50 -2.07
C ILE D 26 46.13 8.96 -2.18
N LEU D 27 45.93 7.71 -1.78
CA LEU D 27 44.58 7.15 -1.81
C LEU D 27 44.05 7.19 -0.39
N SER D 28 44.92 7.63 0.53
CA SER D 28 44.62 7.74 1.95
C SER D 28 44.51 9.17 2.45
N ARG D 29 44.38 10.12 1.53
CA ARG D 29 44.25 11.53 1.89
C ARG D 29 43.01 11.65 2.76
N GLU D 30 42.73 12.86 3.22
CA GLU D 30 41.55 13.13 4.02
C GLU D 30 40.50 13.61 3.04
N HIS D 31 40.95 14.22 1.95
CA HIS D 31 40.07 14.77 0.92
C HIS D 31 39.66 13.80 -0.20
N ARG D 32 39.43 14.33 -1.40
CA ARG D 32 39.01 13.53 -2.55
C ARG D 32 40.15 12.72 -3.15
N PRO D 33 40.16 11.40 -2.91
CA PRO D 33 41.19 10.50 -3.42
C PRO D 33 41.12 10.38 -4.93
N PRO D 34 42.21 10.72 -5.62
CA PRO D 34 42.28 10.64 -7.08
C PRO D 34 42.24 9.20 -7.55
N ILE D 35 41.10 8.54 -7.39
CA ILE D 35 40.98 7.14 -7.80
C ILE D 35 41.11 6.92 -9.30
N ASP D 36 40.33 7.66 -10.10
CA ASP D 36 40.43 7.49 -11.54
C ASP D 36 41.82 7.72 -12.08
N VAL D 37 42.49 8.77 -11.63
CA VAL D 37 43.84 9.04 -12.10
C VAL D 37 44.71 7.79 -11.95
N VAL D 38 44.71 7.22 -10.75
CA VAL D 38 45.50 6.03 -10.44
C VAL D 38 45.14 4.86 -11.33
N ILE D 39 43.84 4.65 -11.52
CA ILE D 39 43.40 3.56 -12.38
C ILE D 39 43.95 3.78 -13.78
N GLN D 40 43.85 5.03 -14.26
CA GLN D 40 44.31 5.43 -15.58
C GLN D 40 45.81 5.21 -15.83
N ALA D 41 46.62 5.26 -14.76
CA ALA D 41 48.06 5.03 -14.91
C ALA D 41 48.28 3.57 -15.29
N GLY D 42 47.21 2.79 -15.16
CA GLY D 42 47.26 1.37 -15.50
C GLY D 42 48.11 0.56 -14.57
N VAL D 43 48.03 0.84 -13.27
CA VAL D 43 48.84 0.14 -12.28
C VAL D 43 48.13 -0.91 -11.42
N VAL D 44 46.80 -0.90 -11.40
CA VAL D 44 46.03 -1.87 -10.61
C VAL D 44 46.50 -3.32 -10.73
N PRO D 45 46.64 -3.84 -11.96
CA PRO D 45 47.08 -5.23 -12.09
C PRO D 45 48.47 -5.48 -11.50
N ARG D 46 49.30 -4.43 -11.53
CA ARG D 46 50.67 -4.49 -11.03
C ARG D 46 50.65 -4.57 -9.51
N LEU D 47 49.67 -3.91 -8.89
CA LEU D 47 49.52 -3.93 -7.44
C LEU D 47 48.92 -5.24 -6.98
N VAL D 48 48.19 -5.91 -7.87
CA VAL D 48 47.56 -7.20 -7.57
C VAL D 48 48.62 -8.28 -7.52
N GLU D 49 49.73 -8.05 -8.22
CA GLU D 49 50.81 -9.03 -8.22
C GLU D 49 51.46 -9.06 -6.86
N PHE D 50 51.66 -7.87 -6.27
CA PHE D 50 52.33 -7.75 -4.98
C PHE D 50 51.64 -8.45 -3.80
N MET D 51 50.50 -9.07 -4.04
CA MET D 51 49.81 -9.77 -2.96
C MET D 51 49.99 -11.28 -3.10
N ARG D 52 50.90 -11.70 -3.98
CA ARG D 52 51.15 -13.11 -4.19
C ARG D 52 51.97 -13.72 -3.05
N GLU D 53 51.92 -15.04 -2.95
CA GLU D 53 52.64 -15.81 -1.92
C GLU D 53 54.09 -15.39 -1.63
N ASN D 54 54.96 -15.50 -2.63
CA ASN D 54 56.38 -15.16 -2.49
C ASN D 54 56.74 -13.71 -2.17
N GLN D 55 55.81 -12.78 -2.38
CA GLN D 55 56.08 -11.36 -2.13
C GLN D 55 56.36 -11.00 -0.65
N PRO D 56 57.24 -10.02 -0.40
CA PRO D 56 57.57 -9.61 0.97
C PRO D 56 56.29 -9.15 1.64
N GLU D 57 56.18 -9.37 2.94
CA GLU D 57 54.96 -8.99 3.63
C GLU D 57 54.59 -7.51 3.65
N MET D 58 55.60 -6.66 3.67
CA MET D 58 55.35 -5.22 3.66
C MET D 58 54.76 -4.77 2.32
N LEU D 59 55.25 -5.36 1.23
CA LEU D 59 54.78 -5.02 -0.10
C LEU D 59 53.34 -5.49 -0.23
N GLN D 60 52.99 -6.58 0.47
CA GLN D 60 51.64 -7.15 0.42
C GLN D 60 50.63 -6.25 1.07
N LEU D 61 50.95 -5.85 2.29
CA LEU D 61 50.11 -4.98 3.10
C LEU D 61 49.83 -3.66 2.38
N GLU D 62 50.89 -2.98 1.99
CA GLU D 62 50.79 -1.73 1.27
C GLU D 62 49.92 -1.86 0.03
N ALA D 63 50.23 -2.85 -0.81
CA ALA D 63 49.47 -3.06 -2.05
C ALA D 63 48.00 -3.23 -1.73
N ALA D 64 47.69 -4.17 -0.85
CA ALA D 64 46.30 -4.40 -0.48
C ALA D 64 45.62 -3.10 -0.01
N TRP D 65 46.34 -2.31 0.78
CA TRP D 65 45.80 -1.05 1.31
C TRP D 65 45.33 -0.12 0.20
N ALA D 66 46.22 0.14 -0.77
CA ALA D 66 45.89 1.01 -1.89
C ALA D 66 44.71 0.41 -2.61
N LEU D 67 44.74 -0.91 -2.83
CA LEU D 67 43.66 -1.60 -3.51
C LEU D 67 42.32 -1.54 -2.79
N THR D 68 42.34 -1.59 -1.47
CA THR D 68 41.11 -1.55 -0.72
C THR D 68 40.44 -0.18 -0.94
N ASN D 69 41.24 0.88 -0.98
CA ASN D 69 40.68 2.21 -1.21
C ASN D 69 40.20 2.44 -2.64
N ILE D 70 40.83 1.77 -3.60
CA ILE D 70 40.38 1.93 -4.96
C ILE D 70 39.02 1.26 -5.01
N ALA D 71 38.86 0.21 -4.20
CA ALA D 71 37.60 -0.51 -4.17
C ALA D 71 36.53 0.12 -3.25
N SER D 72 36.79 1.32 -2.76
CA SER D 72 35.81 2.00 -1.92
C SER D 72 35.12 3.08 -2.75
N GLY D 73 35.38 3.08 -4.05
CA GLY D 73 34.78 4.06 -4.93
C GLY D 73 33.42 3.63 -5.48
N THR D 74 33.23 3.85 -6.77
CA THR D 74 31.98 3.52 -7.45
C THR D 74 32.01 2.06 -7.93
N SER D 75 30.87 1.55 -8.36
CA SER D 75 30.80 0.17 -8.85
C SER D 75 31.78 0.00 -9.99
N ALA D 76 31.94 1.07 -10.78
CA ALA D 76 32.85 1.05 -11.91
C ALA D 76 34.27 0.87 -11.41
N GLN D 77 34.64 1.64 -10.41
CA GLN D 77 35.99 1.60 -9.85
C GLN D 77 36.25 0.30 -9.08
N THR D 78 35.21 -0.30 -8.51
CA THR D 78 35.38 -1.54 -7.77
C THR D 78 35.53 -2.70 -8.75
N LYS D 79 34.96 -2.53 -9.93
CA LYS D 79 35.03 -3.55 -10.96
C LYS D 79 36.48 -3.71 -11.46
N VAL D 80 37.19 -2.59 -11.57
CA VAL D 80 38.57 -2.63 -12.04
C VAL D 80 39.38 -3.59 -11.18
N VAL D 81 39.22 -3.47 -9.86
CA VAL D 81 39.94 -4.33 -8.93
C VAL D 81 39.45 -5.77 -8.97
N VAL D 82 38.15 -5.95 -9.16
CA VAL D 82 37.57 -7.30 -9.23
C VAL D 82 37.96 -8.00 -10.53
N ASP D 83 37.98 -7.25 -11.63
CA ASP D 83 38.36 -7.82 -12.91
C ASP D 83 39.84 -8.20 -12.95
N ALA D 84 40.63 -7.64 -12.04
CA ALA D 84 42.06 -7.92 -11.97
C ALA D 84 42.38 -9.18 -11.15
N ASP D 85 41.35 -9.94 -10.80
CA ASP D 85 41.50 -11.17 -10.03
C ASP D 85 42.05 -10.99 -8.63
N ALA D 86 41.80 -9.83 -8.03
CA ALA D 86 42.31 -9.55 -6.69
C ALA D 86 41.60 -10.35 -5.57
N VAL D 87 40.33 -10.69 -5.78
CA VAL D 87 39.56 -11.42 -4.79
C VAL D 87 40.20 -12.72 -4.31
N PRO D 88 40.50 -13.65 -5.23
CA PRO D 88 41.13 -14.89 -4.76
C PRO D 88 42.43 -14.70 -3.95
N LEU D 89 43.18 -13.66 -4.23
CA LEU D 89 44.42 -13.38 -3.50
C LEU D 89 44.15 -12.79 -2.12
N PHE D 90 43.13 -11.93 -2.02
CA PHE D 90 42.74 -11.33 -0.73
C PHE D 90 42.41 -12.46 0.23
N ILE D 91 41.74 -13.48 -0.29
CA ILE D 91 41.35 -14.63 0.51
C ILE D 91 42.53 -15.48 1.01
N GLN D 92 43.58 -15.62 0.22
CA GLN D 92 44.72 -16.42 0.67
C GLN D 92 45.50 -15.63 1.70
N LEU D 93 45.39 -14.31 1.67
CA LEU D 93 46.09 -13.50 2.67
C LEU D 93 45.42 -13.66 4.03
N LEU D 94 44.14 -14.03 4.02
CA LEU D 94 43.42 -14.25 5.27
C LEU D 94 44.06 -15.42 6.01
N TYR D 95 44.60 -16.37 5.25
CA TYR D 95 45.27 -17.57 5.80
C TYR D 95 46.74 -17.31 6.15
N THR D 96 47.52 -16.93 5.15
CA THR D 96 48.95 -16.73 5.32
C THR D 96 49.45 -15.45 6.00
N GLY D 97 48.88 -14.31 5.63
CA GLY D 97 49.32 -13.03 6.19
C GLY D 97 49.34 -12.84 7.69
N SER D 98 50.13 -11.86 8.11
CA SER D 98 50.25 -11.48 9.52
C SER D 98 48.89 -10.92 9.89
N VAL D 99 48.78 -10.32 11.06
CA VAL D 99 47.51 -9.75 11.49
C VAL D 99 47.22 -8.42 10.80
N GLU D 100 48.26 -7.61 10.60
CA GLU D 100 48.06 -6.32 9.94
C GLU D 100 47.56 -6.62 8.52
N VAL D 101 48.21 -7.57 7.85
CA VAL D 101 47.84 -7.95 6.49
C VAL D 101 46.40 -8.45 6.45
N LYS D 102 46.03 -9.35 7.35
CA LYS D 102 44.66 -9.83 7.36
C LYS D 102 43.68 -8.67 7.50
N GLU D 103 44.01 -7.73 8.40
CA GLU D 103 43.20 -6.54 8.64
C GLU D 103 42.84 -5.84 7.32
N GLN D 104 43.84 -5.65 6.46
CA GLN D 104 43.63 -5.02 5.16
C GLN D 104 42.80 -5.88 4.23
N ALA D 105 43.13 -7.17 4.16
CA ALA D 105 42.42 -8.11 3.28
C ALA D 105 40.91 -8.21 3.54
N ILE D 106 40.54 -8.41 4.79
CA ILE D 106 39.13 -8.52 5.12
C ILE D 106 38.42 -7.19 4.82
N TRP D 107 39.15 -6.08 4.96
CA TRP D 107 38.59 -4.75 4.70
C TRP D 107 38.28 -4.65 3.21
N ALA D 108 39.25 -4.97 2.39
CA ALA D 108 39.06 -4.92 0.94
C ALA D 108 37.86 -5.77 0.58
N LEU D 109 37.86 -7.02 1.05
CA LEU D 109 36.74 -7.91 0.78
C LEU D 109 35.41 -7.29 1.21
N GLY D 110 35.45 -6.51 2.29
CA GLY D 110 34.24 -5.86 2.76
C GLY D 110 33.69 -4.92 1.70
N ASN D 111 34.56 -4.15 1.06
CA ASN D 111 34.12 -3.21 0.04
C ASN D 111 33.56 -3.92 -1.19
N VAL D 112 34.21 -4.99 -1.61
CA VAL D 112 33.75 -5.74 -2.77
C VAL D 112 32.38 -6.35 -2.47
N ALA D 113 32.29 -7.10 -1.38
CA ALA D 113 31.03 -7.74 -0.99
C ALA D 113 29.96 -6.70 -0.80
N GLY D 114 30.38 -5.47 -0.52
CA GLY D 114 29.40 -4.41 -0.31
C GLY D 114 28.91 -3.72 -1.57
N ASP D 115 29.55 -3.97 -2.70
CA ASP D 115 29.18 -3.32 -3.96
C ASP D 115 27.88 -3.81 -4.58
N SER D 116 27.72 -5.13 -4.70
CA SER D 116 26.54 -5.69 -5.32
C SER D 116 26.25 -7.13 -4.90
N THR D 117 25.00 -7.57 -5.06
CA THR D 117 24.60 -8.93 -4.70
C THR D 117 25.40 -9.95 -5.51
N ASP D 118 25.91 -9.51 -6.66
CA ASP D 118 26.72 -10.33 -7.54
C ASP D 118 28.07 -10.54 -6.84
N TYR D 119 28.74 -9.43 -6.55
CA TYR D 119 30.02 -9.48 -5.88
C TYR D 119 29.87 -10.16 -4.54
N ARG D 120 28.80 -9.85 -3.82
CA ARG D 120 28.55 -10.48 -2.53
C ARG D 120 28.60 -12.00 -2.74
N ASP D 121 27.91 -12.45 -3.78
CA ASP D 121 27.88 -13.88 -4.07
C ASP D 121 29.21 -14.39 -4.60
N TYR D 122 29.90 -13.57 -5.38
CA TYR D 122 31.20 -13.95 -5.93
C TYR D 122 32.15 -14.29 -4.79
N VAL D 123 32.26 -13.38 -3.81
CA VAL D 123 33.12 -13.58 -2.66
C VAL D 123 32.73 -14.87 -1.93
N LEU D 124 31.43 -15.10 -1.76
CA LEU D 124 31.01 -16.32 -1.09
C LEU D 124 31.38 -17.56 -1.89
N GLN D 125 31.31 -17.46 -3.22
CA GLN D 125 31.64 -18.58 -4.08
C GLN D 125 33.14 -18.86 -4.25
N CYS D 126 33.97 -17.95 -3.74
CA CYS D 126 35.43 -18.17 -3.78
C CYS D 126 35.83 -18.79 -2.44
N ASN D 127 34.82 -19.21 -1.69
CA ASN D 127 35.02 -19.86 -0.38
C ASN D 127 35.75 -18.99 0.65
N ALA D 128 35.35 -17.73 0.77
CA ALA D 128 35.96 -16.82 1.73
C ALA D 128 35.46 -17.04 3.16
N MET D 129 34.31 -17.68 3.29
CA MET D 129 33.70 -17.95 4.61
C MET D 129 34.54 -18.79 5.55
N GLU D 130 35.28 -19.78 5.02
CA GLU D 130 36.10 -20.63 5.87
C GLU D 130 37.15 -19.81 6.63
N PRO D 131 38.08 -19.17 5.89
CA PRO D 131 39.09 -18.38 6.59
C PRO D 131 38.50 -17.23 7.40
N ILE D 132 37.42 -16.63 6.92
CA ILE D 132 36.81 -15.52 7.66
C ILE D 132 36.38 -15.93 9.06
N LEU D 133 35.79 -17.11 9.21
CA LEU D 133 35.36 -17.54 10.53
C LEU D 133 36.54 -17.71 11.48
N GLY D 134 37.71 -18.02 10.91
CA GLY D 134 38.91 -18.20 11.71
C GLY D 134 39.46 -16.91 12.27
N LEU D 135 39.18 -15.80 11.60
CA LEU D 135 39.65 -14.51 12.07
C LEU D 135 39.12 -14.26 13.47
N PHE D 136 37.92 -14.76 13.76
CA PHE D 136 37.32 -14.52 15.05
C PHE D 136 37.97 -15.23 16.22
N ASN D 137 38.90 -16.15 15.95
CA ASN D 137 39.58 -16.84 17.04
C ASN D 137 40.71 -15.97 17.59
N SER D 138 40.82 -14.73 17.13
CA SER D 138 41.89 -13.86 17.63
C SER D 138 41.37 -12.98 18.77
N ASN D 139 42.31 -12.27 19.41
CA ASN D 139 41.97 -11.40 20.52
C ASN D 139 41.86 -9.95 20.09
N LYS D 140 42.56 -9.58 19.00
CA LYS D 140 42.56 -8.18 18.56
C LYS D 140 41.21 -7.65 18.08
N PRO D 141 40.60 -6.74 18.88
CA PRO D 141 39.31 -6.11 18.62
C PRO D 141 39.16 -5.41 17.28
N SER D 142 40.21 -4.71 16.84
CA SER D 142 40.14 -3.99 15.57
C SER D 142 39.88 -4.95 14.41
N LEU D 143 40.66 -6.04 14.32
CA LEU D 143 40.47 -7.01 13.26
C LEU D 143 39.09 -7.67 13.37
N ILE D 144 38.68 -7.95 14.59
CA ILE D 144 37.38 -8.57 14.80
C ILE D 144 36.24 -7.62 14.47
N ARG D 145 36.50 -6.33 14.57
CA ARG D 145 35.48 -5.32 14.26
C ARG D 145 35.30 -5.20 12.73
N THR D 146 36.40 -5.28 11.98
CA THR D 146 36.30 -5.19 10.52
C THR D 146 35.73 -6.49 9.96
N ALA D 147 36.07 -7.61 10.58
CA ALA D 147 35.55 -8.89 10.10
C ALA D 147 34.05 -8.96 10.34
N THR D 148 33.59 -8.31 11.41
CA THR D 148 32.16 -8.34 11.73
C THR D 148 31.39 -7.49 10.74
N TRP D 149 31.99 -6.37 10.35
CA TRP D 149 31.36 -5.50 9.38
C TRP D 149 31.26 -6.27 8.05
N THR D 150 32.40 -6.68 7.51
CA THR D 150 32.43 -7.46 6.27
C THR D 150 31.42 -8.61 6.26
N LEU D 151 31.29 -9.31 7.38
CA LEU D 151 30.35 -10.44 7.50
C LEU D 151 28.93 -9.94 7.26
N SER D 152 28.67 -8.73 7.76
CA SER D 152 27.37 -8.10 7.64
C SER D 152 27.01 -7.95 6.16
N ASN D 153 27.91 -7.39 5.36
CA ASN D 153 27.65 -7.23 3.94
C ASN D 153 27.41 -8.59 3.26
N LEU D 154 28.13 -9.63 3.68
CA LEU D 154 27.93 -10.93 3.06
C LEU D 154 26.51 -11.45 3.28
N CYS D 155 25.97 -11.22 4.48
CA CYS D 155 24.61 -11.67 4.81
C CYS D 155 23.49 -10.79 4.24
N ARG D 156 23.79 -9.50 4.06
CA ARG D 156 22.80 -8.55 3.55
C ARG D 156 22.38 -8.81 2.11
N GLY D 157 21.08 -8.67 1.85
CA GLY D 157 20.54 -8.90 0.53
C GLY D 157 19.35 -9.83 0.61
N LYS D 158 18.20 -9.38 0.13
CA LYS D 158 17.02 -10.21 0.21
C LYS D 158 16.44 -10.35 -1.17
N LYS D 159 16.94 -9.55 -2.12
CA LYS D 159 16.51 -9.69 -3.51
C LYS D 159 17.25 -11.00 -3.74
N PRO D 160 18.14 -11.10 -4.74
CA PRO D 160 18.70 -12.45 -4.70
C PRO D 160 19.39 -12.63 -3.33
N GLN D 161 18.82 -13.47 -2.46
CA GLN D 161 19.42 -13.68 -1.14
C GLN D 161 20.68 -14.53 -1.23
N PRO D 162 21.60 -14.36 -0.27
CA PRO D 162 22.86 -15.10 -0.24
C PRO D 162 22.63 -16.59 -0.04
N ASP D 163 23.60 -17.40 -0.49
CA ASP D 163 23.57 -18.87 -0.37
C ASP D 163 23.37 -19.28 1.10
N TRP D 164 22.17 -19.75 1.45
CA TRP D 164 21.90 -20.13 2.84
C TRP D 164 22.81 -21.18 3.46
N SER D 165 23.24 -22.16 2.67
CA SER D 165 24.12 -23.21 3.18
C SER D 165 25.47 -22.66 3.58
N VAL D 166 25.81 -21.49 3.06
CA VAL D 166 27.08 -20.85 3.39
C VAL D 166 26.93 -19.89 4.57
N VAL D 167 26.13 -18.85 4.38
CA VAL D 167 25.96 -17.85 5.44
C VAL D 167 25.42 -18.39 6.76
N SER D 168 24.60 -19.43 6.71
CA SER D 168 24.04 -20.03 7.94
C SER D 168 25.14 -20.45 8.91
N GLN D 169 26.29 -20.81 8.37
CA GLN D 169 27.42 -21.25 9.17
C GLN D 169 27.96 -20.21 10.16
N ALA D 170 27.66 -18.94 9.92
CA ALA D 170 28.15 -17.87 10.79
C ALA D 170 27.38 -17.69 12.09
N LEU D 171 26.21 -18.30 12.18
CA LEU D 171 25.37 -18.17 13.37
C LEU D 171 26.07 -18.41 14.70
N PRO D 172 26.79 -19.53 14.83
CA PRO D 172 27.46 -19.74 16.12
C PRO D 172 28.40 -18.59 16.54
N THR D 173 29.17 -18.07 15.58
CA THR D 173 30.09 -16.98 15.85
C THR D 173 29.29 -15.75 16.27
N LEU D 174 28.27 -15.42 15.48
CA LEU D 174 27.38 -14.29 15.74
C LEU D 174 26.82 -14.38 17.16
N ALA D 175 26.35 -15.56 17.53
CA ALA D 175 25.79 -15.81 18.85
C ALA D 175 26.72 -15.26 19.93
N LYS D 176 28.02 -15.43 19.75
CA LYS D 176 29.00 -14.94 20.73
C LYS D 176 29.15 -13.42 20.59
N LEU D 177 29.32 -12.99 19.34
CA LEU D 177 29.50 -11.58 19.01
C LEU D 177 28.50 -10.62 19.64
N ILE D 178 27.28 -11.08 19.89
CA ILE D 178 26.30 -10.20 20.50
C ILE D 178 26.48 -9.98 22.03
N TYR D 179 27.63 -10.41 22.57
CA TYR D 179 27.96 -10.20 23.99
C TYR D 179 29.25 -9.39 24.03
N SER D 180 29.56 -8.74 22.92
CA SER D 180 30.79 -7.95 22.82
C SER D 180 30.69 -6.60 23.53
N MET D 181 31.82 -6.10 24.01
CA MET D 181 31.83 -4.81 24.69
C MET D 181 31.90 -3.68 23.66
N ASP D 182 32.47 -3.99 22.50
CA ASP D 182 32.66 -3.02 21.42
C ASP D 182 31.34 -2.68 20.72
N THR D 183 30.91 -1.43 20.83
CA THR D 183 29.65 -1.02 20.22
C THR D 183 29.58 -1.19 18.72
N GLU D 184 30.65 -0.81 18.01
CA GLU D 184 30.65 -0.94 16.56
C GLU D 184 30.49 -2.41 16.18
N THR D 185 31.24 -3.30 16.82
CA THR D 185 31.12 -4.74 16.53
C THR D 185 29.70 -5.21 16.82
N LEU D 186 29.28 -4.94 18.05
CA LEU D 186 27.95 -5.31 18.52
C LEU D 186 26.87 -4.88 17.50
N VAL D 187 26.92 -3.62 17.09
CA VAL D 187 25.93 -3.11 16.15
C VAL D 187 25.86 -3.91 14.86
N ASP D 188 27.00 -4.11 14.21
CA ASP D 188 27.01 -4.89 12.97
C ASP D 188 26.64 -6.37 13.14
N ALA D 189 26.86 -6.95 14.32
CA ALA D 189 26.51 -8.35 14.54
C ALA D 189 24.97 -8.47 14.54
N CYS D 190 24.29 -7.52 15.18
CA CYS D 190 22.83 -7.55 15.21
C CYS D 190 22.25 -7.38 13.79
N TRP D 191 22.77 -6.45 12.99
CA TRP D 191 22.29 -6.28 11.62
C TRP D 191 22.47 -7.55 10.81
N ALA D 192 23.56 -8.26 11.02
CA ALA D 192 23.81 -9.50 10.30
C ALA D 192 22.75 -10.54 10.67
N ILE D 193 22.50 -10.70 11.98
CA ILE D 193 21.49 -11.65 12.44
C ILE D 193 20.11 -11.27 11.89
N SER D 194 19.83 -9.98 11.77
CA SER D 194 18.52 -9.54 11.25
C SER D 194 18.41 -9.84 9.76
N TYR D 195 19.53 -9.89 9.07
CA TYR D 195 19.53 -10.20 7.64
C TYR D 195 19.28 -11.70 7.43
N LEU D 196 19.84 -12.53 8.31
CA LEU D 196 19.66 -13.97 8.20
C LEU D 196 18.26 -14.36 8.65
N SER D 197 17.61 -13.47 9.38
CA SER D 197 16.27 -13.72 9.88
C SER D 197 15.18 -13.35 8.90
N ASP D 198 15.50 -12.53 7.91
CA ASP D 198 14.47 -12.13 6.95
C ASP D 198 14.13 -13.27 5.99
N GLY D 199 14.31 -14.50 6.42
CA GLY D 199 14.02 -15.61 5.52
C GLY D 199 12.88 -16.55 5.90
N PRO D 200 12.88 -17.76 5.30
CA PRO D 200 11.91 -18.82 5.50
C PRO D 200 11.98 -19.46 6.88
N GLN D 201 11.01 -20.32 7.18
CA GLN D 201 10.96 -20.99 8.47
C GLN D 201 12.28 -21.68 8.81
N GLU D 202 12.94 -22.22 7.79
CA GLU D 202 14.22 -22.90 8.03
C GLU D 202 15.19 -21.93 8.69
N ALA D 203 15.27 -20.72 8.15
CA ALA D 203 16.17 -19.70 8.67
C ALA D 203 15.78 -19.29 10.09
N ILE D 204 14.48 -19.09 10.31
CA ILE D 204 14.02 -18.70 11.64
C ILE D 204 14.36 -19.77 12.67
N GLN D 205 14.28 -21.05 12.28
CA GLN D 205 14.57 -22.14 13.21
C GLN D 205 16.02 -22.19 13.61
N ALA D 206 16.90 -21.82 12.67
CA ALA D 206 18.32 -21.81 12.91
C ALA D 206 18.70 -20.79 13.99
N VAL D 207 18.18 -19.58 13.87
CA VAL D 207 18.47 -18.54 14.84
C VAL D 207 17.96 -19.00 16.20
N ILE D 208 16.78 -19.60 16.19
CA ILE D 208 16.18 -20.06 17.44
C ILE D 208 17.01 -21.13 18.12
N ASP D 209 17.50 -22.10 17.34
CA ASP D 209 18.27 -23.19 17.90
C ASP D 209 19.64 -22.82 18.44
N VAL D 210 20.22 -21.75 17.91
CA VAL D 210 21.53 -21.33 18.40
C VAL D 210 21.32 -20.42 19.62
N ARG D 211 20.11 -20.48 20.17
CA ARG D 211 19.73 -19.73 21.36
C ARG D 211 20.04 -18.23 21.39
N ILE D 212 19.78 -17.55 20.27
CA ILE D 212 20.00 -16.11 20.13
C ILE D 212 18.86 -15.25 20.73
N PRO D 213 17.61 -15.51 20.34
CA PRO D 213 16.46 -14.74 20.84
C PRO D 213 16.46 -14.21 22.28
N LYS D 214 16.87 -15.02 23.24
CA LYS D 214 16.86 -14.55 24.62
C LYS D 214 17.78 -13.35 24.82
N ARG D 215 18.96 -13.43 24.21
CA ARG D 215 19.94 -12.36 24.29
C ARG D 215 19.39 -11.16 23.53
N LEU D 216 19.01 -11.43 22.29
CA LEU D 216 18.46 -10.42 21.41
C LEU D 216 17.43 -9.56 22.16
N VAL D 217 16.70 -10.19 23.09
CA VAL D 217 15.71 -9.47 23.85
C VAL D 217 16.37 -8.55 24.86
N GLU D 218 17.38 -9.06 25.56
CA GLU D 218 18.06 -8.22 26.54
C GLU D 218 18.60 -6.98 25.85
N LEU D 219 18.98 -7.14 24.59
CA LEU D 219 19.52 -6.04 23.81
C LEU D 219 18.54 -4.94 23.42
N LEU D 220 17.23 -5.21 23.52
CA LEU D 220 16.25 -4.18 23.17
C LEU D 220 16.33 -3.01 24.18
N SER D 221 16.79 -3.29 25.39
CA SER D 221 16.90 -2.26 26.43
C SER D 221 18.32 -1.67 26.56
N HIS D 222 19.05 -1.68 25.45
CA HIS D 222 20.40 -1.12 25.40
C HIS D 222 20.16 0.40 25.35
N GLU D 223 21.14 1.23 25.68
CA GLU D 223 20.87 2.66 25.66
C GLU D 223 21.12 3.35 24.34
N SER D 224 21.76 2.64 23.41
CA SER D 224 22.02 3.22 22.09
C SER D 224 20.97 2.70 21.13
N THR D 225 20.30 3.61 20.44
CA THR D 225 19.29 3.20 19.47
C THR D 225 19.96 2.53 18.26
N LEU D 226 21.29 2.52 18.25
CA LEU D 226 22.04 1.88 17.16
C LEU D 226 21.99 0.37 17.38
N VAL D 227 21.83 -0.03 18.64
CA VAL D 227 21.72 -1.44 18.99
C VAL D 227 20.26 -1.83 18.99
N GLN D 228 19.41 -0.90 19.39
CA GLN D 228 17.97 -1.13 19.45
C GLN D 228 17.35 -1.33 18.08
N THR D 229 17.80 -0.58 17.09
CA THR D 229 17.23 -0.72 15.76
C THR D 229 17.36 -2.11 15.12
N PRO D 230 18.60 -2.60 14.94
CA PRO D 230 18.81 -3.92 14.34
C PRO D 230 18.32 -5.10 15.21
N ALA D 231 18.34 -4.92 16.53
CA ALA D 231 17.87 -5.98 17.44
C ALA D 231 16.35 -6.13 17.29
N LEU D 232 15.65 -5.00 17.19
CA LEU D 232 14.20 -5.03 17.03
C LEU D 232 13.80 -5.59 15.68
N ARG D 233 14.60 -5.31 14.65
CA ARG D 233 14.30 -5.80 13.32
C ARG D 233 14.36 -7.34 13.23
N ALA D 234 15.25 -7.95 14.02
CA ALA D 234 15.41 -9.40 14.02
C ALA D 234 14.32 -10.06 14.88
N VAL D 235 14.08 -9.48 16.06
CA VAL D 235 13.04 -9.99 16.95
C VAL D 235 11.74 -10.00 16.16
N GLY D 236 11.47 -8.87 15.50
CA GLY D 236 10.28 -8.74 14.70
C GLY D 236 10.18 -9.81 13.64
N ASN D 237 11.28 -10.09 12.94
CA ASN D 237 11.28 -11.11 11.90
C ASN D 237 10.95 -12.50 12.40
N ILE D 238 11.38 -12.79 13.62
CA ILE D 238 11.15 -14.11 14.21
C ILE D 238 9.68 -14.40 14.48
N VAL D 239 8.96 -13.45 15.08
CA VAL D 239 7.53 -13.63 15.38
C VAL D 239 6.70 -13.72 14.11
N THR D 240 7.38 -13.68 12.98
CA THR D 240 6.77 -13.81 11.66
C THR D 240 6.44 -15.28 11.43
N GLY D 241 7.21 -16.16 12.07
CA GLY D 241 6.99 -17.58 11.95
C GLY D 241 5.78 -18.13 12.68
N ASN D 242 5.63 -19.45 12.67
CA ASN D 242 4.50 -20.10 13.31
C ASN D 242 4.39 -19.86 14.84
N ASP D 243 3.26 -20.25 15.40
CA ASP D 243 2.98 -20.08 16.83
C ASP D 243 4.10 -20.58 17.75
N LEU D 244 4.63 -21.78 17.48
CA LEU D 244 5.69 -22.34 18.30
C LEU D 244 6.96 -21.49 18.28
N GLN D 245 7.35 -21.03 17.10
CA GLN D 245 8.54 -20.20 16.98
C GLN D 245 8.27 -18.88 17.68
N THR D 246 7.03 -18.40 17.63
CA THR D 246 6.68 -17.14 18.29
C THR D 246 6.62 -17.27 19.83
N GLN D 247 6.31 -18.46 20.33
CA GLN D 247 6.26 -18.67 21.79
C GLN D 247 7.64 -18.61 22.38
N VAL D 248 8.64 -19.02 21.59
CA VAL D 248 10.02 -18.98 22.05
C VAL D 248 10.39 -17.54 22.41
N VAL D 249 9.95 -16.61 21.57
CA VAL D 249 10.21 -15.20 21.81
C VAL D 249 9.34 -14.62 22.94
N ILE D 250 8.09 -15.08 23.09
CA ILE D 250 7.25 -14.59 24.19
C ILE D 250 7.90 -15.06 25.51
N ASN D 251 8.39 -16.30 25.52
CA ASN D 251 9.02 -16.86 26.72
C ASN D 251 10.33 -16.16 27.06
N ALA D 252 10.91 -15.46 26.10
CA ALA D 252 12.16 -14.74 26.34
C ALA D 252 11.90 -13.35 26.95
N GLY D 253 10.65 -13.10 27.33
CA GLY D 253 10.28 -11.84 27.93
C GLY D 253 10.26 -10.66 26.97
N VAL D 254 9.96 -10.90 25.70
CA VAL D 254 9.93 -9.82 24.71
C VAL D 254 8.78 -8.82 24.91
N LEU D 255 7.64 -9.28 25.40
CA LEU D 255 6.50 -8.40 25.61
C LEU D 255 6.80 -7.25 26.56
N PRO D 256 7.34 -7.54 27.75
CA PRO D 256 7.64 -6.43 28.67
C PRO D 256 8.62 -5.46 28.03
N ALA D 257 9.50 -5.99 27.19
CA ALA D 257 10.49 -5.19 26.49
C ALA D 257 9.87 -4.28 25.45
N LEU D 258 8.75 -4.74 24.86
CA LEU D 258 8.05 -3.94 23.85
C LEU D 258 7.25 -2.82 24.46
N ARG D 259 6.80 -3.01 25.70
CA ARG D 259 6.01 -1.98 26.36
C ARG D 259 6.83 -0.70 26.44
N LEU D 260 8.12 -0.85 26.69
CA LEU D 260 9.02 0.29 26.78
C LEU D 260 9.27 0.95 25.42
N LEU D 261 9.57 0.14 24.40
CA LEU D 261 9.83 0.66 23.05
C LEU D 261 8.70 1.51 22.45
N LEU D 262 7.48 1.40 22.97
CA LEU D 262 6.37 2.19 22.43
C LEU D 262 6.54 3.65 22.83
N SER D 263 7.35 3.91 23.86
CA SER D 263 7.61 5.26 24.35
C SER D 263 8.87 5.84 23.70
N SER D 264 9.51 5.01 22.89
CA SER D 264 10.73 5.42 22.20
C SER D 264 10.61 6.76 21.52
N PRO D 265 11.61 7.63 21.71
CA PRO D 265 11.54 8.93 21.04
C PRO D 265 11.67 8.75 19.53
N LYS D 266 12.39 7.72 19.10
CA LYS D 266 12.58 7.44 17.67
C LYS D 266 11.28 6.89 17.04
N GLU D 267 10.78 7.59 16.02
CA GLU D 267 9.52 7.23 15.35
C GLU D 267 9.46 5.87 14.66
N ASN D 268 10.47 5.54 13.86
CA ASN D 268 10.45 4.23 13.22
C ASN D 268 10.53 3.12 14.25
N ILE D 269 11.00 3.41 15.47
CA ILE D 269 11.05 2.36 16.49
C ILE D 269 9.66 2.10 17.07
N LYS D 270 8.86 3.15 17.26
CA LYS D 270 7.51 2.94 17.78
C LYS D 270 6.76 2.09 16.75
N LYS D 271 7.01 2.39 15.48
CA LYS D 271 6.37 1.67 14.38
C LYS D 271 6.64 0.16 14.42
N GLU D 272 7.90 -0.23 14.26
CA GLU D 272 8.23 -1.65 14.24
C GLU D 272 7.86 -2.38 15.53
N ALA D 273 7.74 -1.64 16.63
CA ALA D 273 7.35 -2.25 17.88
C ALA D 273 5.90 -2.69 17.74
N CYS D 274 5.09 -1.85 17.10
CA CYS D 274 3.68 -2.11 16.86
C CYS D 274 3.54 -3.25 15.86
N TRP D 275 4.41 -3.22 14.87
CA TRP D 275 4.50 -4.24 13.84
C TRP D 275 4.75 -5.60 14.51
N THR D 276 5.76 -5.68 15.38
CA THR D 276 6.07 -6.92 16.08
C THR D 276 4.84 -7.36 16.88
N ILE D 277 4.35 -6.48 17.75
CA ILE D 277 3.18 -6.81 18.53
C ILE D 277 2.06 -7.37 17.66
N SER D 278 1.84 -6.79 16.49
CA SER D 278 0.76 -7.25 15.62
C SER D 278 0.94 -8.69 15.11
N ASN D 279 2.19 -9.11 14.87
CA ASN D 279 2.42 -10.48 14.41
C ASN D 279 2.29 -11.46 15.57
N ILE D 280 2.23 -10.94 16.79
CA ILE D 280 2.06 -11.80 17.95
C ILE D 280 0.57 -11.91 18.26
N THR D 281 -0.21 -10.88 17.91
CA THR D 281 -1.64 -10.93 18.14
C THR D 281 -2.28 -11.65 16.97
N ALA D 282 -1.46 -12.11 16.05
CA ALA D 282 -1.93 -12.84 14.88
C ALA D 282 -1.83 -14.33 15.21
N GLY D 283 -1.34 -14.62 16.41
CA GLY D 283 -1.18 -15.99 16.85
C GLY D 283 -2.41 -16.53 17.55
N ASN D 284 -2.25 -17.59 18.34
CA ASN D 284 -3.36 -18.21 19.05
C ASN D 284 -3.97 -17.35 20.14
N THR D 285 -5.06 -17.85 20.71
CA THR D 285 -5.81 -17.17 21.75
C THR D 285 -4.97 -16.85 22.97
N GLU D 286 -4.12 -17.80 23.35
CA GLU D 286 -3.27 -17.62 24.52
C GLU D 286 -2.27 -16.48 24.33
N GLN D 287 -1.67 -16.44 23.15
CA GLN D 287 -0.68 -15.40 22.87
C GLN D 287 -1.33 -14.01 22.86
N ILE D 288 -2.60 -13.95 22.49
CA ILE D 288 -3.35 -12.70 22.46
C ILE D 288 -3.54 -12.24 23.91
N GLN D 289 -3.81 -13.21 24.79
CA GLN D 289 -4.02 -12.92 26.20
C GLN D 289 -2.72 -12.45 26.84
N ALA D 290 -1.61 -13.07 26.42
CA ALA D 290 -0.29 -12.71 26.92
C ALA D 290 -0.06 -11.23 26.68
N VAL D 291 -0.39 -10.80 25.46
CA VAL D 291 -0.23 -9.39 25.09
C VAL D 291 -1.11 -8.53 25.97
N ILE D 292 -2.34 -8.98 26.21
CA ILE D 292 -3.28 -8.25 27.04
C ILE D 292 -2.77 -8.14 28.47
N ASP D 293 -2.21 -9.23 28.99
CA ASP D 293 -1.69 -9.27 30.36
C ASP D 293 -0.43 -8.43 30.56
N ALA D 294 0.36 -8.28 29.50
CA ALA D 294 1.58 -7.50 29.56
C ALA D 294 1.21 -6.03 29.66
N ASN D 295 -0.04 -5.71 29.36
CA ASN D 295 -0.50 -4.33 29.41
C ASN D 295 -0.03 -3.47 28.23
N LEU D 296 -0.17 -4.00 27.03
CA LEU D 296 0.24 -3.32 25.81
C LEU D 296 -0.92 -2.62 25.10
N ILE D 297 -2.14 -3.05 25.39
CA ILE D 297 -3.31 -2.46 24.76
C ILE D 297 -3.43 -0.95 25.00
N PRO D 298 -3.37 -0.53 26.27
CA PRO D 298 -3.48 0.91 26.52
C PRO D 298 -2.56 1.82 25.69
N PRO D 299 -1.25 1.60 25.73
CA PRO D 299 -0.37 2.47 24.94
C PRO D 299 -0.66 2.34 23.44
N LEU D 300 -1.04 1.13 23.02
CA LEU D 300 -1.35 0.87 21.62
C LEU D 300 -2.51 1.76 21.17
N VAL D 301 -3.54 1.84 22.00
CA VAL D 301 -4.71 2.68 21.72
C VAL D 301 -4.30 4.17 21.62
N LYS D 302 -3.40 4.59 22.50
CA LYS D 302 -2.94 5.97 22.50
C LYS D 302 -2.26 6.30 21.18
N LEU D 303 -1.35 5.43 20.75
CA LEU D 303 -0.67 5.65 19.49
C LEU D 303 -1.64 5.54 18.33
N LEU D 304 -2.67 4.71 18.50
CA LEU D 304 -3.67 4.51 17.46
C LEU D 304 -4.40 5.82 17.21
N GLU D 305 -4.50 6.67 18.23
CA GLU D 305 -5.19 7.95 18.05
C GLU D 305 -4.27 9.15 17.78
N VAL D 306 -3.01 9.11 18.22
CA VAL D 306 -2.15 10.28 17.98
C VAL D 306 -0.81 10.14 17.26
N ALA D 307 -0.39 8.91 16.96
CA ALA D 307 0.90 8.75 16.29
C ALA D 307 0.88 9.26 14.85
N GLU D 308 2.02 9.16 14.18
CA GLU D 308 2.10 9.56 12.77
C GLU D 308 1.31 8.48 12.02
N TYR D 309 0.99 8.70 10.75
CA TYR D 309 0.22 7.68 10.02
C TYR D 309 0.94 6.33 9.92
N LYS D 310 2.19 6.35 9.49
CA LYS D 310 2.91 5.10 9.35
C LYS D 310 2.94 4.27 10.63
N THR D 311 2.69 4.89 11.78
CA THR D 311 2.68 4.16 13.06
C THR D 311 1.24 3.69 13.41
N LYS D 312 0.25 4.58 13.30
CA LYS D 312 -1.13 4.21 13.59
C LYS D 312 -1.48 2.98 12.78
N LYS D 313 -1.00 2.99 11.55
CA LYS D 313 -1.20 1.92 10.58
C LYS D 313 -0.91 0.57 11.22
N GLU D 314 0.23 0.49 11.90
CA GLU D 314 0.67 -0.72 12.57
C GLU D 314 -0.16 -1.01 13.81
N ALA D 315 -0.42 0.03 14.62
CA ALA D 315 -1.21 -0.11 15.84
C ALA D 315 -2.55 -0.71 15.47
N CYS D 316 -3.09 -0.24 14.35
CA CYS D 316 -4.35 -0.71 13.84
C CYS D 316 -4.34 -2.23 13.67
N TRP D 317 -3.37 -2.74 12.92
CA TRP D 317 -3.28 -4.18 12.73
C TRP D 317 -3.28 -4.91 14.06
N ALA D 318 -2.34 -4.55 14.92
CA ALA D 318 -2.22 -5.17 16.23
C ALA D 318 -3.59 -5.37 16.90
N ILE D 319 -4.30 -4.24 17.08
CA ILE D 319 -5.60 -4.22 17.71
C ILE D 319 -6.60 -5.04 16.92
N SER D 320 -6.56 -4.91 15.60
CA SER D 320 -7.47 -5.63 14.73
C SER D 320 -7.26 -7.15 14.83
N ASN D 321 -6.01 -7.58 14.72
CA ASN D 321 -5.74 -9.01 14.82
C ASN D 321 -6.20 -9.54 16.18
N ALA D 322 -6.14 -8.69 17.19
CA ALA D 322 -6.55 -9.08 18.54
C ALA D 322 -8.05 -9.35 18.57
N SER D 323 -8.81 -8.51 17.87
CA SER D 323 -10.25 -8.68 17.85
C SER D 323 -10.68 -10.02 17.25
N SER D 324 -9.81 -10.64 16.47
CA SER D 324 -10.14 -11.93 15.87
C SER D 324 -10.39 -12.95 16.97
N GLY D 325 -9.46 -13.03 17.89
CA GLY D 325 -9.57 -13.96 19.00
C GLY D 325 -10.77 -13.66 19.86
N GLY D 326 -11.68 -12.86 19.32
CA GLY D 326 -12.89 -12.50 20.03
C GLY D 326 -13.94 -13.58 19.88
N LEU D 327 -13.89 -14.31 18.77
CA LEU D 327 -14.84 -15.39 18.53
C LEU D 327 -14.70 -16.39 19.68
N GLN D 328 -13.45 -16.78 19.96
CA GLN D 328 -13.15 -17.73 21.03
C GLN D 328 -13.36 -17.15 22.44
N ARG D 329 -12.72 -16.03 22.76
CA ARG D 329 -12.89 -15.40 24.07
C ARG D 329 -13.58 -14.06 23.96
N PRO D 330 -14.90 -14.04 24.14
CA PRO D 330 -15.69 -12.81 24.05
C PRO D 330 -15.16 -11.70 24.94
N ASP D 331 -14.45 -12.05 26.01
CA ASP D 331 -13.92 -11.03 26.90
C ASP D 331 -12.82 -10.19 26.29
N ILE D 332 -12.04 -10.77 25.38
CA ILE D 332 -10.98 -10.01 24.73
C ILE D 332 -11.60 -8.75 24.14
N ILE D 333 -12.71 -8.94 23.42
CA ILE D 333 -13.43 -7.84 22.79
C ILE D 333 -13.91 -6.86 23.89
N ARG D 334 -14.46 -7.41 24.99
CA ARG D 334 -14.93 -6.55 26.09
C ARG D 334 -13.80 -5.71 26.64
N TYR D 335 -12.64 -6.34 26.83
CA TYR D 335 -11.47 -5.64 27.33
C TYR D 335 -11.12 -4.52 26.36
N LEU D 336 -10.82 -4.88 25.11
CA LEU D 336 -10.51 -3.90 24.08
C LEU D 336 -11.49 -2.73 24.06
N VAL D 337 -12.79 -3.01 24.13
CA VAL D 337 -13.79 -1.94 24.12
C VAL D 337 -13.70 -1.09 25.38
N SER D 338 -13.47 -1.74 26.53
CA SER D 338 -13.36 -1.03 27.81
C SER D 338 -12.16 -0.09 27.83
N GLN D 339 -11.17 -0.36 26.99
CA GLN D 339 -9.97 0.47 26.91
C GLN D 339 -10.12 1.63 25.92
N GLY D 340 -11.28 1.69 25.25
CA GLY D 340 -11.54 2.77 24.31
C GLY D 340 -10.87 2.76 22.93
N CYS D 341 -10.94 1.63 22.24
CA CYS D 341 -10.33 1.54 20.91
C CYS D 341 -11.33 1.93 19.83
N ILE D 342 -12.63 1.87 20.18
CA ILE D 342 -13.69 2.20 19.24
C ILE D 342 -13.57 3.59 18.60
N LYS D 343 -13.51 4.63 19.44
CA LYS D 343 -13.44 5.99 18.94
C LYS D 343 -12.25 6.24 18.00
N PRO D 344 -11.03 5.83 18.42
CA PRO D 344 -9.82 6.01 17.61
C PRO D 344 -9.86 5.17 16.34
N LEU D 345 -10.61 4.06 16.40
CA LEU D 345 -10.76 3.17 15.27
C LEU D 345 -11.64 3.85 14.23
N CYS D 346 -12.80 4.34 14.64
CA CYS D 346 -13.72 5.01 13.73
C CYS D 346 -13.10 6.21 13.04
N ASP D 347 -12.34 7.00 13.79
CA ASP D 347 -11.72 8.19 13.24
C ASP D 347 -10.66 7.86 12.19
N LEU D 348 -10.11 6.66 12.27
CA LEU D 348 -9.08 6.24 11.32
C LEU D 348 -9.63 6.06 9.91
N LEU D 349 -10.90 5.71 9.80
CA LEU D 349 -11.51 5.52 8.49
C LEU D 349 -11.44 6.80 7.65
N GLU D 350 -11.43 7.93 8.34
CA GLU D 350 -11.43 9.22 7.67
C GLU D 350 -10.14 9.60 6.95
N ILE D 351 -9.02 9.02 7.36
CA ILE D 351 -7.75 9.37 6.74
C ILE D 351 -6.97 8.19 6.21
N ALA D 352 -7.44 6.98 6.52
CA ALA D 352 -6.77 5.76 6.08
C ALA D 352 -6.82 5.49 4.58
N ASP D 353 -5.97 4.57 4.14
CA ASP D 353 -5.94 4.15 2.73
C ASP D 353 -6.74 2.84 2.66
N ASN D 354 -7.16 2.47 1.46
CA ASN D 354 -7.98 1.27 1.28
C ASN D 354 -7.68 0.03 2.10
N ARG D 355 -6.43 -0.41 2.12
CA ARG D 355 -6.09 -1.61 2.87
C ARG D 355 -6.40 -1.46 4.37
N ILE D 356 -6.04 -0.32 4.94
CA ILE D 356 -6.29 -0.06 6.37
C ILE D 356 -7.78 0.11 6.70
N ILE D 357 -8.58 0.44 5.68
CA ILE D 357 -10.01 0.60 5.89
C ILE D 357 -10.60 -0.79 6.07
N GLU D 358 -10.03 -1.77 5.38
CA GLU D 358 -10.49 -3.14 5.50
C GLU D 358 -10.18 -3.69 6.87
N VAL D 359 -8.98 -3.39 7.36
CA VAL D 359 -8.56 -3.89 8.65
C VAL D 359 -9.35 -3.22 9.77
N THR D 360 -9.71 -1.97 9.54
CA THR D 360 -10.50 -1.27 10.54
C THR D 360 -11.93 -1.78 10.53
N LEU D 361 -12.48 -2.02 9.34
CA LEU D 361 -13.86 -2.51 9.26
C LEU D 361 -13.98 -3.93 9.79
N ASP D 362 -12.93 -4.73 9.66
CA ASP D 362 -13.00 -6.08 10.21
C ASP D 362 -13.02 -6.03 11.73
N ALA D 363 -12.23 -5.14 12.31
CA ALA D 363 -12.17 -4.98 13.75
C ALA D 363 -13.52 -4.45 14.28
N LEU D 364 -14.00 -3.37 13.68
CA LEU D 364 -15.28 -2.77 14.06
C LEU D 364 -16.39 -3.81 13.94
N GLU D 365 -16.29 -4.65 12.93
CA GLU D 365 -17.28 -5.71 12.70
C GLU D 365 -17.19 -6.78 13.79
N ASN D 366 -15.98 -7.23 14.12
CA ASN D 366 -15.83 -8.26 15.16
C ASN D 366 -16.36 -7.69 16.48
N ILE D 367 -16.02 -6.43 16.76
CA ILE D 367 -16.47 -5.75 17.97
C ILE D 367 -18.00 -5.75 18.01
N ILE D 368 -18.62 -5.48 16.86
CA ILE D 368 -20.07 -5.44 16.76
C ILE D 368 -20.74 -6.81 16.93
N LYS D 369 -20.15 -7.86 16.38
CA LYS D 369 -20.72 -9.21 16.49
C LYS D 369 -20.87 -9.64 17.94
N MET D 370 -19.85 -9.34 18.74
CA MET D 370 -19.87 -9.70 20.16
C MET D 370 -20.93 -8.91 20.89
N GLY D 371 -20.94 -7.59 20.70
CA GLY D 371 -21.92 -6.76 21.37
C GLY D 371 -23.34 -7.17 21.02
N GLU D 372 -23.47 -7.87 19.89
CA GLU D 372 -24.76 -8.34 19.42
C GLU D 372 -25.08 -9.64 20.15
N ALA D 373 -24.09 -10.52 20.23
CA ALA D 373 -24.25 -11.80 20.89
C ALA D 373 -24.59 -11.62 22.36
N ASP D 374 -24.30 -10.44 22.89
CA ASP D 374 -24.61 -10.10 24.28
C ASP D 374 -26.03 -9.58 24.41
N LYS D 375 -26.51 -8.86 23.39
CA LYS D 375 -27.87 -8.34 23.40
C LYS D 375 -28.77 -9.56 23.65
N GLU D 376 -28.37 -10.70 23.09
CA GLU D 376 -29.11 -11.94 23.25
C GLU D 376 -29.03 -12.41 24.70
N ALA D 377 -27.91 -13.04 25.05
CA ALA D 377 -27.68 -13.53 26.41
C ALA D 377 -28.20 -12.63 27.53
N ARG D 378 -27.50 -11.53 27.79
CA ARG D 378 -27.90 -10.59 28.83
C ARG D 378 -29.27 -9.99 28.59
N GLY D 379 -29.90 -10.37 27.47
CA GLY D 379 -31.22 -9.88 27.14
C GLY D 379 -31.35 -8.36 27.04
N LEU D 380 -30.43 -7.73 26.31
CA LEU D 380 -30.46 -6.28 26.16
C LEU D 380 -31.34 -5.85 24.98
N ASN D 381 -31.90 -4.65 25.08
CA ASN D 381 -32.77 -4.11 24.03
C ASN D 381 -31.94 -3.61 22.85
N ILE D 382 -30.78 -3.01 23.16
CA ILE D 382 -29.88 -2.45 22.15
C ILE D 382 -28.50 -3.13 22.18
N ASN D 383 -27.69 -2.86 21.16
CA ASN D 383 -26.33 -3.40 21.05
C ASN D 383 -25.36 -2.34 21.59
N GLU D 384 -24.94 -2.51 22.83
CA GLU D 384 -24.04 -1.56 23.50
C GLU D 384 -22.94 -1.00 22.60
N ASN D 385 -22.18 -1.88 21.96
CA ASN D 385 -21.11 -1.42 21.08
C ASN D 385 -21.61 -0.62 19.86
N ALA D 386 -22.78 -0.98 19.35
CA ALA D 386 -23.36 -0.27 18.21
C ALA D 386 -23.60 1.20 18.60
N ASP D 387 -24.16 1.39 19.80
CA ASP D 387 -24.44 2.73 20.31
C ASP D 387 -23.15 3.54 20.51
N PHE D 388 -22.06 2.85 20.85
CA PHE D 388 -20.76 3.47 21.05
C PHE D 388 -20.20 4.01 19.74
N ILE D 389 -20.37 3.23 18.67
CA ILE D 389 -19.90 3.60 17.34
C ILE D 389 -20.68 4.79 16.75
N GLU D 390 -21.97 4.85 17.02
CA GLU D 390 -22.77 5.96 16.51
C GLU D 390 -22.25 7.25 17.13
N LYS D 391 -21.94 7.19 18.43
CA LYS D 391 -21.44 8.34 19.19
C LYS D 391 -20.15 8.93 18.61
N ALA D 392 -19.15 8.07 18.47
CA ALA D 392 -17.85 8.46 17.94
C ALA D 392 -17.94 8.97 16.51
N GLY D 393 -19.13 8.87 15.94
CA GLY D 393 -19.31 9.32 14.56
C GLY D 393 -18.88 8.23 13.61
N GLY D 394 -18.73 7.02 14.12
CA GLY D 394 -18.32 5.90 13.30
C GLY D 394 -19.34 5.53 12.25
N MET D 395 -20.61 5.52 12.65
CA MET D 395 -21.70 5.18 11.76
C MET D 395 -21.69 5.97 10.47
N GLU D 396 -21.54 7.29 10.59
CA GLU D 396 -21.53 8.12 9.39
C GLU D 396 -20.38 7.73 8.48
N LYS D 397 -19.19 7.56 9.07
CA LYS D 397 -18.00 7.20 8.30
C LYS D 397 -18.12 5.84 7.64
N ILE D 398 -18.67 4.87 8.37
CA ILE D 398 -18.87 3.55 7.80
C ILE D 398 -19.81 3.71 6.61
N PHE D 399 -20.83 4.54 6.79
CA PHE D 399 -21.80 4.80 5.72
C PHE D 399 -21.14 5.36 4.45
N ASN D 400 -20.12 6.19 4.64
CA ASN D 400 -19.43 6.81 3.52
C ASN D 400 -18.56 5.82 2.74
N CYS D 401 -18.17 4.74 3.39
CA CYS D 401 -17.35 3.76 2.71
C CYS D 401 -18.15 2.99 1.66
N GLN D 402 -19.44 3.30 1.55
CA GLN D 402 -20.27 2.64 0.55
C GLN D 402 -20.04 3.24 -0.82
N GLN D 403 -19.35 4.38 -0.85
CA GLN D 403 -19.03 5.03 -2.12
C GLN D 403 -17.57 4.82 -2.48
N ASN D 404 -16.91 3.91 -1.78
CA ASN D 404 -15.51 3.60 -2.04
C ASN D 404 -15.48 2.75 -3.33
N GLU D 405 -14.52 3.01 -4.21
CA GLU D 405 -14.44 2.26 -5.46
C GLU D 405 -14.11 0.78 -5.30
N ASN D 406 -13.51 0.41 -4.16
CA ASN D 406 -13.13 -0.95 -3.89
C ASN D 406 -14.32 -1.82 -3.45
N ASP D 407 -14.58 -2.90 -4.20
CA ASP D 407 -15.67 -3.83 -3.92
C ASP D 407 -15.65 -4.38 -2.50
N LYS D 408 -14.49 -4.93 -2.10
CA LYS D 408 -14.34 -5.48 -0.77
C LYS D 408 -14.79 -4.49 0.32
N ILE D 409 -14.51 -3.20 0.12
CA ILE D 409 -14.93 -2.21 1.10
C ILE D 409 -16.40 -1.84 1.08
N TYR D 410 -16.91 -1.36 -0.05
CA TYR D 410 -18.31 -0.95 -0.08
C TYR D 410 -19.26 -2.10 0.26
N GLU D 411 -18.92 -3.32 -0.18
CA GLU D 411 -19.77 -4.46 0.13
C GLU D 411 -19.74 -4.68 1.64
N LYS D 412 -18.55 -4.59 2.23
CA LYS D 412 -18.41 -4.77 3.67
C LYS D 412 -19.25 -3.71 4.40
N ALA D 413 -19.18 -2.47 3.92
CA ALA D 413 -19.90 -1.38 4.53
C ALA D 413 -21.42 -1.53 4.54
N TYR D 414 -22.03 -1.88 3.40
CA TYR D 414 -23.48 -2.04 3.33
C TYR D 414 -23.93 -3.14 4.29
N LYS D 415 -23.18 -4.22 4.37
CA LYS D 415 -23.54 -5.31 5.27
C LYS D 415 -23.54 -4.82 6.70
N ILE D 416 -22.51 -4.06 7.08
CA ILE D 416 -22.48 -3.58 8.43
C ILE D 416 -23.67 -2.67 8.71
N ILE D 417 -23.89 -1.66 7.86
CA ILE D 417 -25.01 -0.77 8.07
C ILE D 417 -26.34 -1.52 8.15
N GLU D 418 -26.57 -2.43 7.21
CA GLU D 418 -27.80 -3.20 7.16
C GLU D 418 -27.93 -4.01 8.45
N THR D 419 -26.96 -4.87 8.67
CA THR D 419 -26.97 -5.74 9.84
C THR D 419 -27.01 -5.06 11.20
N TYR D 420 -26.36 -3.92 11.37
CA TYR D 420 -26.36 -3.30 12.69
C TYR D 420 -26.93 -1.91 12.87
N PHE D 421 -27.31 -1.23 11.80
CA PHE D 421 -27.86 0.13 11.93
C PHE D 421 -29.11 0.42 11.10
N GLY D 422 -30.16 -0.37 11.30
CA GLY D 422 -31.40 -0.16 10.55
C GLY D 422 -32.57 0.12 11.47
N LYS E 1 27.39 -1.34 2.49
CA LYS E 1 28.07 -0.05 2.44
C LYS E 1 29.57 -0.26 2.17
N LYS E 2 30.32 0.83 2.05
CA LYS E 2 31.75 0.77 1.80
C LYS E 2 32.48 1.71 2.75
N LYS E 3 33.74 1.42 3.04
CA LYS E 3 34.53 2.27 3.93
C LYS E 3 35.94 2.47 3.36
N ARG E 4 36.48 3.67 3.56
CA ARG E 4 37.82 3.98 3.06
C ARG E 4 38.84 4.07 4.20
N LYS E 5 40.04 3.53 3.99
CA LYS E 5 41.07 3.53 5.02
C LYS E 5 41.82 4.83 5.02
N VAL E 6 41.74 5.52 6.14
CA VAL E 6 42.35 6.83 6.25
C VAL E 6 43.34 6.89 7.41
N ALA F 1 -2.73 -14.04 9.07
CA ALA F 1 -2.61 -12.63 9.40
C ALA F 1 -1.17 -12.23 9.77
N LYS F 2 -0.20 -13.08 9.43
CA LYS F 2 1.22 -12.82 9.70
C LYS F 2 1.82 -11.96 8.60
N LYS F 3 2.33 -10.80 8.98
CA LYS F 3 2.92 -9.90 8.00
C LYS F 3 4.42 -9.84 8.03
N ALA F 4 4.89 -10.07 6.81
CA ALA F 4 6.28 -10.08 6.56
C ALA F 4 6.58 -9.03 5.52
N ALA F 5 7.89 -8.78 5.45
CA ALA F 5 8.54 -7.84 4.57
C ALA F 5 9.50 -7.09 5.47
#